data_2LAX
#
_entry.id   2LAX
#
loop_
_entity.id
_entity.type
_entity.pdbx_description
1 polymer 'Yorkie homolog'
2 polymer 'Mothers against decapentaplegic homolog 1'
#
loop_
_entity_poly.entity_id
_entity_poly.type
_entity_poly.pdbx_seq_one_letter_code
_entity_poly.pdbx_strand_id
1 'polypeptide(L)' GAMEDVPLPAGWEMAKTSSGQRYFLNHIDQTTTWQDPRKA A
2 'polypeptide(L)' S(TPO)YPH(SEP)PTS B
#
# COMPACT_ATOMS: atom_id res chain seq x y z
N ASP A 5 -3.77 5.70 -15.93
CA ASP A 5 -3.92 4.75 -14.80
C ASP A 5 -2.58 4.53 -14.08
N VAL A 6 -1.49 5.00 -14.67
CA VAL A 6 -0.17 4.81 -14.09
C VAL A 6 0.05 5.57 -12.75
N PRO A 7 -0.58 6.75 -12.49
CA PRO A 7 -0.41 7.45 -11.21
C PRO A 7 -0.77 6.60 -10.00
N LEU A 8 -1.58 5.58 -10.22
CA LEU A 8 -1.90 4.62 -9.19
C LEU A 8 -1.46 3.24 -9.65
N PRO A 9 -0.31 2.76 -9.13
CA PRO A 9 0.28 1.47 -9.53
C PRO A 9 -0.71 0.31 -9.38
N ALA A 10 -0.58 -0.69 -10.25
CA ALA A 10 -1.61 -1.72 -10.38
C ALA A 10 -1.37 -2.90 -9.44
N GLY A 11 -0.11 -3.16 -9.13
CA GLY A 11 0.20 -4.25 -8.21
C GLY A 11 0.17 -3.78 -6.77
N TRP A 12 -0.35 -2.58 -6.56
CA TRP A 12 -0.33 -1.95 -5.25
C TRP A 12 -1.75 -1.78 -4.71
N GLU A 13 -1.93 -2.18 -3.46
CA GLU A 13 -3.21 -2.09 -2.79
C GLU A 13 -3.29 -0.80 -1.97
N MET A 14 -4.44 -0.14 -2.03
CA MET A 14 -4.67 1.05 -1.24
C MET A 14 -5.25 0.67 0.11
N ALA A 15 -4.41 0.47 1.10
CA ALA A 15 -4.88 0.20 2.42
C ALA A 15 -5.04 1.50 3.18
N LYS A 16 -6.23 2.06 3.06
CA LYS A 16 -6.54 3.34 3.65
C LYS A 16 -7.20 3.15 5.01
N THR A 17 -6.40 3.29 6.05
CA THR A 17 -6.88 3.09 7.42
C THR A 17 -7.41 4.40 8.00
N SER A 18 -8.64 4.37 8.52
CA SER A 18 -9.30 5.58 9.04
C SER A 18 -8.56 6.16 10.25
N SER A 19 -7.68 5.37 10.83
CA SER A 19 -6.87 5.80 11.96
C SER A 19 -5.83 6.85 11.54
N GLY A 20 -5.62 6.95 10.23
CA GLY A 20 -4.64 7.89 9.71
C GLY A 20 -3.40 7.18 9.20
N GLN A 21 -3.60 6.02 8.60
CA GLN A 21 -2.49 5.21 8.10
C GLN A 21 -2.72 4.86 6.64
N ARG A 22 -1.78 5.26 5.79
CA ARG A 22 -1.83 4.89 4.39
C ARG A 22 -0.65 4.00 4.03
N TYR A 23 -0.84 2.69 4.09
CA TYR A 23 0.22 1.76 3.75
C TYR A 23 -0.17 1.01 2.49
N PHE A 24 0.81 0.76 1.64
CA PHE A 24 0.55 0.19 0.34
C PHE A 24 1.17 -1.20 0.22
N LEU A 25 0.34 -2.16 -0.13
CA LEU A 25 0.79 -3.52 -0.37
C LEU A 25 1.20 -3.73 -1.82
N ASN A 26 2.33 -4.37 -2.05
CA ASN A 26 2.57 -4.89 -3.39
C ASN A 26 2.07 -6.32 -3.40
N HIS A 27 0.89 -6.55 -3.99
CA HIS A 27 0.25 -7.86 -3.93
C HIS A 27 0.95 -8.87 -4.82
N ILE A 28 2.03 -8.43 -5.46
CA ILE A 28 2.86 -9.30 -6.26
C ILE A 28 3.97 -9.91 -5.41
N ASP A 29 4.61 -9.09 -4.59
CA ASP A 29 5.72 -9.53 -3.74
C ASP A 29 5.26 -9.78 -2.30
N GLN A 30 4.07 -9.27 -1.95
CA GLN A 30 3.60 -9.27 -0.57
C GLN A 30 4.47 -8.32 0.26
N THR A 31 4.83 -7.21 -0.36
CA THR A 31 5.71 -6.22 0.25
C THR A 31 4.90 -5.19 1.02
N THR A 32 5.30 -4.96 2.27
CA THR A 32 4.66 -3.98 3.11
C THR A 32 5.34 -2.62 2.95
N THR A 33 4.63 -1.68 2.35
CA THR A 33 5.20 -0.39 2.00
C THR A 33 4.55 0.75 2.82
N TRP A 34 5.37 1.52 3.53
CA TRP A 34 4.86 2.71 4.24
C TRP A 34 5.17 3.97 3.43
N GLN A 35 5.80 3.80 2.29
CA GLN A 35 6.20 4.91 1.45
C GLN A 35 5.34 5.00 0.20
N ASP A 36 4.77 6.18 -0.04
CA ASP A 36 3.99 6.42 -1.24
C ASP A 36 4.85 6.21 -2.48
N PRO A 37 4.36 5.38 -3.42
CA PRO A 37 5.07 5.03 -4.66
C PRO A 37 5.53 6.24 -5.48
N ARG A 38 4.90 7.39 -5.25
CA ARG A 38 5.26 8.61 -5.98
C ARG A 38 6.17 9.50 -5.14
N LYS A 39 6.23 9.21 -3.85
CA LYS A 39 7.11 9.92 -2.93
C LYS A 39 8.46 9.21 -2.83
N ALA A 40 8.41 7.91 -2.55
CA ALA A 40 9.61 7.10 -2.33
C ALA A 40 10.54 7.79 -1.34
N SER B 1 -7.76 -10.62 -3.12
CA SER B 1 -8.69 -9.57 -2.65
C SER B 1 -8.80 -9.59 -1.12
N TYR B 3 -7.89 -8.44 2.44
CA TYR B 3 -7.29 -7.36 3.23
C TYR B 3 -6.31 -7.94 4.24
N PRO B 4 -5.08 -7.44 4.24
CA PRO B 4 -4.05 -7.88 5.19
C PRO B 4 -4.21 -7.21 6.54
N HIS B 5 -3.11 -6.71 7.08
CA HIS B 5 -3.13 -5.94 8.30
C HIS B 5 -1.98 -4.95 8.28
N PRO B 7 1.23 -3.16 8.82
CA PRO B 7 2.53 -3.87 9.02
C PRO B 7 3.11 -3.74 10.42
N THR B 8 2.62 -2.82 11.22
CA THR B 8 3.18 -2.63 12.55
C THR B 8 2.07 -2.46 13.60
N SER B 9 1.94 -3.45 14.46
CA SER B 9 1.03 -3.40 15.58
C SER B 9 1.55 -4.29 16.70
N ASP A 5 -2.22 5.70 -14.54
CA ASP A 5 -1.44 4.50 -14.15
C ASP A 5 -0.35 4.85 -13.14
N VAL A 6 0.11 6.10 -13.16
CA VAL A 6 1.14 6.54 -12.23
C VAL A 6 0.57 6.87 -10.83
N PRO A 7 -0.51 7.70 -10.73
CA PRO A 7 -1.11 8.07 -9.43
C PRO A 7 -1.73 6.88 -8.71
N LEU A 8 -1.82 5.75 -9.40
CA LEU A 8 -2.27 4.52 -8.79
C LEU A 8 -1.59 3.35 -9.50
N PRO A 9 -0.46 2.89 -8.95
CA PRO A 9 0.32 1.78 -9.51
C PRO A 9 -0.47 0.47 -9.44
N ALA A 10 -0.42 -0.31 -10.52
CA ALA A 10 -1.33 -1.45 -10.69
C ALA A 10 -0.76 -2.75 -10.10
N GLY A 11 0.26 -2.63 -9.27
CA GLY A 11 0.73 -3.78 -8.52
C GLY A 11 0.55 -3.55 -7.04
N TRP A 12 -0.21 -2.52 -6.70
CA TRP A 12 -0.31 -2.04 -5.34
C TRP A 12 -1.77 -2.07 -4.85
N GLU A 13 -1.93 -2.53 -3.62
CA GLU A 13 -3.24 -2.68 -3.01
C GLU A 13 -3.49 -1.53 -2.05
N MET A 14 -4.71 -0.99 -2.06
CA MET A 14 -5.04 0.13 -1.19
C MET A 14 -5.57 -0.37 0.15
N ALA A 15 -4.73 -0.30 1.17
CA ALA A 15 -5.17 -0.59 2.51
C ALA A 15 -5.27 0.72 3.28
N LYS A 16 -6.45 1.32 3.22
CA LYS A 16 -6.69 2.62 3.83
C LYS A 16 -7.32 2.46 5.19
N THR A 17 -6.52 2.66 6.24
CA THR A 17 -6.98 2.52 7.61
C THR A 17 -7.55 3.85 8.12
N SER A 18 -8.75 3.81 8.70
CA SER A 18 -9.46 5.01 9.14
C SER A 18 -8.72 5.78 10.23
N SER A 19 -7.73 5.13 10.84
CA SER A 19 -6.88 5.79 11.83
C SER A 19 -6.02 6.87 11.16
N GLY A 20 -5.95 6.82 9.83
CA GLY A 20 -5.09 7.72 9.10
C GLY A 20 -3.84 7.03 8.59
N GLN A 21 -3.83 5.71 8.70
CA GLN A 21 -2.68 4.93 8.28
C GLN A 21 -2.88 4.42 6.86
N ARG A 22 -2.09 4.97 5.95
CA ARG A 22 -2.17 4.60 4.55
C ARG A 22 -0.96 3.77 4.14
N TYR A 23 -1.16 2.47 3.93
CA TYR A 23 -0.08 1.61 3.51
C TYR A 23 -0.49 0.79 2.30
N PHE A 24 0.43 0.62 1.37
CA PHE A 24 0.14 -0.06 0.13
C PHE A 24 0.81 -1.43 0.08
N LEU A 25 0.09 -2.42 -0.41
CA LEU A 25 0.66 -3.74 -0.63
C LEU A 25 1.25 -3.86 -2.02
N ASN A 26 2.45 -4.39 -2.14
CA ASN A 26 2.93 -4.73 -3.46
C ASN A 26 2.52 -6.17 -3.72
N HIS A 27 1.45 -6.35 -4.52
CA HIS A 27 0.91 -7.69 -4.79
C HIS A 27 1.92 -8.56 -5.51
N ILE A 28 2.96 -7.92 -6.02
CA ILE A 28 4.00 -8.60 -6.77
C ILE A 28 5.11 -9.08 -5.83
N ASP A 29 5.42 -8.24 -4.83
CA ASP A 29 6.54 -8.50 -3.95
C ASP A 29 6.08 -9.12 -2.63
N GLN A 30 4.77 -9.03 -2.37
CA GLN A 30 4.16 -9.44 -1.09
C GLN A 30 4.82 -8.58 0.00
N THR A 31 5.04 -7.33 -0.37
CA THR A 31 5.77 -6.40 0.45
C THR A 31 4.87 -5.25 0.88
N THR A 32 4.94 -4.91 2.16
CA THR A 32 4.11 -3.86 2.72
C THR A 32 4.84 -2.52 2.73
N THR A 33 4.21 -1.51 2.16
CA THR A 33 4.84 -0.21 1.96
C THR A 33 4.12 0.91 2.74
N TRP A 34 4.84 1.64 3.59
CA TRP A 34 4.26 2.79 4.32
C TRP A 34 4.41 4.07 3.50
N GLN A 35 5.34 4.05 2.57
CA GLN A 35 5.74 5.24 1.83
C GLN A 35 5.05 5.30 0.47
N ASP A 36 4.83 6.51 -0.01
CA ASP A 36 4.18 6.70 -1.30
C ASP A 36 5.15 6.34 -2.44
N PRO A 37 4.87 5.24 -3.16
CA PRO A 37 5.76 4.67 -4.19
C PRO A 37 6.21 5.65 -5.27
N ARG A 38 5.32 6.54 -5.73
CA ARG A 38 5.68 7.45 -6.82
C ARG A 38 6.56 8.58 -6.31
N LYS A 39 6.59 8.73 -4.99
CA LYS A 39 7.47 9.68 -4.33
C LYS A 39 8.81 9.00 -4.06
N ALA A 40 8.80 7.67 -4.15
CA ALA A 40 9.96 6.83 -3.84
C ALA A 40 10.23 6.82 -2.34
N SER B 1 -11.90 -11.21 -1.25
CA SER B 1 -11.16 -10.00 -0.85
C SER B 1 -11.18 -9.88 0.66
N TYR B 3 -9.06 -8.36 4.38
CA TYR B 3 -8.21 -7.30 4.90
C TYR B 3 -6.91 -7.90 5.42
N PRO B 4 -5.76 -7.42 4.92
CA PRO B 4 -4.44 -7.84 5.39
C PRO B 4 -4.14 -7.25 6.77
N HIS B 5 -2.90 -6.85 6.99
CA HIS B 5 -2.55 -6.18 8.23
C HIS B 5 -1.45 -5.17 7.99
N PRO B 7 1.83 -3.14 8.19
CA PRO B 7 3.18 -3.69 8.35
C PRO B 7 3.72 -3.50 9.76
N THR B 8 3.13 -2.55 10.47
CA THR B 8 3.46 -2.32 11.86
C THR B 8 2.22 -2.57 12.72
N SER B 9 1.66 -1.51 13.29
CA SER B 9 0.42 -1.58 14.06
C SER B 9 -0.07 -0.17 14.32
N ASP A 5 -3.42 4.39 -13.25
CA ASP A 5 -2.33 3.40 -13.07
C ASP A 5 -1.03 4.05 -12.64
N VAL A 6 -0.74 5.26 -13.14
CA VAL A 6 0.46 5.98 -12.74
C VAL A 6 0.29 6.68 -11.39
N PRO A 7 -0.79 7.47 -11.18
CA PRO A 7 -1.02 8.14 -9.91
C PRO A 7 -1.48 7.15 -8.83
N LEU A 8 -1.82 5.96 -9.26
CA LEU A 8 -2.19 4.88 -8.36
C LEU A 8 -1.80 3.55 -8.98
N PRO A 9 -0.68 2.97 -8.54
CA PRO A 9 -0.19 1.68 -9.05
C PRO A 9 -1.20 0.55 -8.83
N ALA A 10 -1.37 -0.29 -9.86
CA ALA A 10 -2.44 -1.27 -9.87
C ALA A 10 -2.02 -2.60 -9.24
N GLY A 11 -0.72 -2.86 -9.24
CA GLY A 11 -0.21 -4.08 -8.62
C GLY A 11 -0.04 -3.91 -7.12
N TRP A 12 -0.58 -2.80 -6.61
CA TRP A 12 -0.44 -2.47 -5.21
C TRP A 12 -1.80 -2.54 -4.52
N GLU A 13 -1.81 -3.13 -3.34
CA GLU A 13 -3.02 -3.29 -2.56
C GLU A 13 -3.22 -2.09 -1.66
N MET A 14 -4.38 -1.46 -1.76
CA MET A 14 -4.66 -0.26 -0.97
C MET A 14 -5.30 -0.64 0.35
N ALA A 15 -4.53 -0.58 1.42
CA ALA A 15 -5.06 -0.75 2.75
C ALA A 15 -5.24 0.60 3.41
N LYS A 16 -6.41 1.18 3.23
CA LYS A 16 -6.69 2.52 3.73
C LYS A 16 -7.59 2.44 4.96
N THR A 17 -7.09 2.90 6.09
CA THR A 17 -7.89 2.96 7.29
C THR A 17 -8.29 4.40 7.59
N SER A 18 -9.51 4.57 8.08
CA SER A 18 -10.05 5.90 8.36
C SER A 18 -9.30 6.58 9.50
N SER A 19 -8.53 5.78 10.24
CA SER A 19 -7.73 6.30 11.33
C SER A 19 -6.56 7.14 10.81
N GLY A 20 -6.29 7.02 9.52
CA GLY A 20 -5.23 7.80 8.91
C GLY A 20 -4.00 6.99 8.61
N GLN A 21 -4.19 5.74 8.20
CA GLN A 21 -3.08 4.86 7.88
C GLN A 21 -3.28 4.27 6.49
N ARG A 22 -2.29 4.46 5.63
CA ARG A 22 -2.34 3.94 4.27
C ARG A 22 -1.06 3.20 3.93
N TYR A 23 -1.07 1.90 4.12
CA TYR A 23 0.06 1.06 3.77
C TYR A 23 -0.29 0.20 2.57
N PHE A 24 0.60 0.15 1.61
CA PHE A 24 0.32 -0.50 0.34
C PHE A 24 1.06 -1.82 0.22
N LEU A 25 0.38 -2.83 -0.27
CA LEU A 25 1.01 -4.11 -0.53
C LEU A 25 1.55 -4.15 -1.95
N ASN A 26 2.73 -4.71 -2.15
CA ASN A 26 3.17 -5.05 -3.48
C ASN A 26 2.70 -6.46 -3.73
N HIS A 27 1.61 -6.61 -4.48
CA HIS A 27 1.01 -7.93 -4.70
C HIS A 27 1.92 -8.80 -5.55
N ILE A 28 2.85 -8.17 -6.26
CA ILE A 28 3.78 -8.91 -7.11
C ILE A 28 5.04 -9.29 -6.34
N ASP A 29 5.38 -8.53 -5.32
CA ASP A 29 6.57 -8.79 -4.51
C ASP A 29 6.20 -9.50 -3.20
N GLN A 30 4.92 -9.38 -2.82
CA GLN A 30 4.40 -9.92 -1.56
C GLN A 30 5.02 -9.19 -0.37
N THR A 31 5.27 -7.90 -0.54
CA THR A 31 5.89 -7.10 0.53
C THR A 31 4.98 -5.94 0.92
N THR A 32 5.06 -5.53 2.18
CA THR A 32 4.25 -4.42 2.67
C THR A 32 5.06 -3.14 2.72
N THR A 33 4.49 -2.04 2.22
CA THR A 33 5.21 -0.78 2.15
C THR A 33 4.38 0.35 2.79
N TRP A 34 4.96 1.04 3.78
CA TRP A 34 4.29 2.18 4.42
C TRP A 34 4.52 3.46 3.62
N GLN A 35 5.42 3.40 2.65
CA GLN A 35 5.82 4.58 1.88
C GLN A 35 5.17 4.57 0.50
N ASP A 36 4.61 5.72 0.11
CA ASP A 36 3.93 5.86 -1.18
C ASP A 36 4.90 5.68 -2.35
N PRO A 37 4.59 4.75 -3.26
CA PRO A 37 5.46 4.41 -4.41
C PRO A 37 5.68 5.55 -5.39
N ARG A 38 4.87 6.61 -5.32
CA ARG A 38 5.03 7.72 -6.23
C ARG A 38 5.86 8.82 -5.60
N LYS A 39 6.00 8.77 -4.29
CA LYS A 39 6.88 9.69 -3.58
C LYS A 39 8.27 9.08 -3.47
N ALA A 40 8.35 7.78 -3.73
CA ALA A 40 9.62 7.07 -3.75
C ALA A 40 10.11 6.94 -5.19
N SER B 1 -7.96 -6.32 -3.25
CA SER B 1 -9.06 -5.68 -2.49
C SER B 1 -9.20 -6.32 -1.11
N TYR B 3 -8.00 -6.93 2.72
CA TYR B 3 -7.32 -6.19 3.79
C TYR B 3 -6.36 -7.10 4.54
N PRO B 4 -5.07 -6.75 4.56
CA PRO B 4 -4.05 -7.48 5.31
C PRO B 4 -3.96 -7.01 6.76
N HIS B 5 -2.76 -6.69 7.21
CA HIS B 5 -2.57 -6.12 8.54
C HIS B 5 -1.36 -5.20 8.55
N PRO B 7 1.93 -3.68 9.23
CA PRO B 7 3.23 -4.22 9.67
C PRO B 7 3.85 -3.46 10.84
N THR B 8 3.33 -2.27 11.11
CA THR B 8 3.86 -1.42 12.17
C THR B 8 2.74 -0.95 13.08
N SER B 9 2.71 -1.48 14.29
CA SER B 9 1.69 -1.13 15.25
C SER B 9 2.32 -0.41 16.44
N ASP A 5 -2.56 4.42 -14.17
CA ASP A 5 -1.50 3.44 -13.87
C ASP A 5 -0.39 4.08 -13.04
N VAL A 6 0.01 5.29 -13.42
CA VAL A 6 1.08 5.99 -12.70
C VAL A 6 0.57 6.66 -11.41
N PRO A 7 -0.53 7.46 -11.46
CA PRO A 7 -1.04 8.15 -10.26
C PRO A 7 -1.56 7.18 -9.21
N LEU A 8 -1.81 5.95 -9.63
CA LEU A 8 -2.23 4.89 -8.73
C LEU A 8 -1.60 3.59 -9.21
N PRO A 9 -0.50 3.15 -8.56
CA PRO A 9 0.25 1.96 -8.97
C PRO A 9 -0.63 0.70 -8.95
N ALA A 10 -0.57 -0.07 -10.03
CA ALA A 10 -1.52 -1.15 -10.27
C ALA A 10 -1.05 -2.47 -9.69
N GLY A 11 0.25 -2.63 -9.50
CA GLY A 11 0.77 -3.83 -8.87
C GLY A 11 0.77 -3.69 -7.35
N TRP A 12 0.18 -2.60 -6.89
CA TRP A 12 0.21 -2.25 -5.48
C TRP A 12 -1.20 -2.30 -4.91
N GLU A 13 -1.31 -2.80 -3.69
CA GLU A 13 -2.59 -2.88 -3.00
C GLU A 13 -2.82 -1.63 -2.18
N MET A 14 -4.01 -1.04 -2.31
CA MET A 14 -4.32 0.19 -1.62
C MET A 14 -4.92 -0.09 -0.26
N ALA A 15 -4.11 -0.12 0.77
CA ALA A 15 -4.64 -0.24 2.10
C ALA A 15 -4.88 1.15 2.68
N LYS A 16 -6.08 1.63 2.43
CA LYS A 16 -6.49 2.94 2.91
C LYS A 16 -7.16 2.76 4.28
N THR A 17 -6.34 2.84 5.31
CA THR A 17 -6.75 2.39 6.63
C THR A 17 -7.26 3.54 7.49
N SER A 18 -8.37 3.27 8.21
CA SER A 18 -9.02 4.26 9.06
C SER A 18 -8.12 4.63 10.25
N SER A 19 -7.11 3.80 10.49
CA SER A 19 -6.13 4.06 11.53
C SER A 19 -5.35 5.35 11.22
N GLY A 20 -5.47 5.83 9.99
CA GLY A 20 -4.75 7.01 9.56
C GLY A 20 -3.45 6.65 8.90
N GLN A 21 -3.43 5.48 8.26
CA GLN A 21 -2.21 4.95 7.69
C GLN A 21 -2.46 4.46 6.27
N ARG A 22 -1.76 5.02 5.30
CA ARG A 22 -1.87 4.56 3.92
C ARG A 22 -0.61 3.79 3.53
N TYR A 23 -0.70 2.46 3.57
CA TYR A 23 0.43 1.61 3.22
C TYR A 23 0.06 0.76 2.01
N PHE A 24 0.95 0.69 1.05
CA PHE A 24 0.68 -0.04 -0.17
C PHE A 24 1.40 -1.38 -0.17
N LEU A 25 0.70 -2.40 -0.63
CA LEU A 25 1.29 -3.73 -0.75
C LEU A 25 1.92 -3.90 -2.13
N ASN A 26 3.05 -4.55 -2.20
CA ASN A 26 3.54 -5.02 -3.48
C ASN A 26 2.99 -6.42 -3.69
N HIS A 27 1.88 -6.52 -4.43
CA HIS A 27 1.16 -7.78 -4.58
C HIS A 27 2.00 -8.81 -5.31
N ILE A 28 2.98 -8.34 -6.06
CA ILE A 28 3.84 -9.24 -6.81
C ILE A 28 5.05 -9.66 -5.99
N ASP A 29 5.43 -8.83 -5.02
CA ASP A 29 6.59 -9.12 -4.20
C ASP A 29 6.20 -9.71 -2.85
N GLN A 30 4.91 -9.55 -2.50
CA GLN A 30 4.37 -10.02 -1.21
C GLN A 30 5.01 -9.23 -0.05
N THR A 31 5.28 -7.95 -0.28
CA THR A 31 5.88 -7.11 0.75
C THR A 31 5.01 -5.89 1.03
N THR A 32 5.05 -5.40 2.26
CA THR A 32 4.28 -4.24 2.66
C THR A 32 5.16 -3.00 2.66
N THR A 33 4.69 -1.93 2.04
CA THR A 33 5.49 -0.74 1.85
C THR A 33 4.81 0.51 2.46
N TRP A 34 5.45 1.12 3.46
CA TRP A 34 4.99 2.39 4.02
C TRP A 34 5.42 3.55 3.11
N GLN A 35 6.23 3.23 2.13
CA GLN A 35 6.80 4.24 1.25
C GLN A 35 5.89 4.46 0.05
N ASP A 36 5.37 5.67 -0.07
CA ASP A 36 4.48 6.01 -1.17
C ASP A 36 5.29 6.24 -2.45
N PRO A 37 5.06 5.43 -3.48
CA PRO A 37 5.81 5.48 -4.72
C PRO A 37 5.54 6.73 -5.55
N ARG A 38 4.47 7.44 -5.25
CA ARG A 38 4.14 8.68 -5.97
C ARG A 38 4.68 9.87 -5.22
N LYS A 39 4.79 9.75 -3.91
CA LYS A 39 5.46 10.74 -3.09
C LYS A 39 6.93 10.77 -3.50
N ALA A 40 7.47 9.58 -3.80
CA ALA A 40 8.83 9.42 -4.28
C ALA A 40 9.83 10.15 -3.39
N SER B 1 -11.94 -10.28 -0.63
CA SER B 1 -12.75 -9.25 0.04
C SER B 1 -12.21 -8.96 1.43
N TYR B 3 -9.59 -7.54 4.18
CA TYR B 3 -8.69 -6.39 4.32
C TYR B 3 -7.48 -6.80 5.15
N PRO B 4 -6.25 -6.44 4.69
CA PRO B 4 -5.02 -6.77 5.40
C PRO B 4 -4.87 -5.99 6.71
N HIS B 5 -3.66 -6.01 7.28
CA HIS B 5 -3.40 -5.37 8.55
C HIS B 5 -2.12 -4.53 8.47
N PRO B 7 1.41 -2.96 9.05
CA PRO B 7 2.69 -3.58 9.39
C PRO B 7 3.13 -3.26 10.82
N THR B 8 2.50 -2.28 11.44
CA THR B 8 2.86 -1.89 12.79
C THR B 8 2.04 -2.67 13.83
N SER B 9 0.93 -2.10 14.27
CA SER B 9 0.10 -2.71 15.29
C SER B 9 -1.28 -2.05 15.32
N ASP A 5 -1.51 6.04 -15.54
CA ASP A 5 -1.30 4.77 -14.82
C ASP A 5 -0.57 5.00 -13.50
N VAL A 6 0.21 6.07 -13.41
CA VAL A 6 0.97 6.37 -12.19
C VAL A 6 0.15 7.02 -11.06
N PRO A 7 -1.01 7.71 -11.32
CA PRO A 7 -1.83 8.26 -10.23
C PRO A 7 -2.32 7.17 -9.29
N LEU A 8 -2.43 5.96 -9.80
CA LEU A 8 -2.72 4.80 -8.96
C LEU A 8 -2.08 3.55 -9.59
N PRO A 9 -0.94 3.12 -9.06
CA PRO A 9 -0.22 1.93 -9.57
C PRO A 9 -1.06 0.65 -9.43
N ALA A 10 -1.06 -0.18 -10.47
CA ALA A 10 -1.98 -1.30 -10.56
C ALA A 10 -1.43 -2.59 -9.94
N GLY A 11 -0.11 -2.71 -9.87
CA GLY A 11 0.48 -3.89 -9.25
C GLY A 11 0.54 -3.77 -7.74
N TRP A 12 -0.10 -2.73 -7.23
CA TRP A 12 -0.04 -2.41 -5.81
C TRP A 12 -1.41 -2.58 -5.17
N GLU A 13 -1.49 -2.34 -3.87
CA GLU A 13 -2.71 -2.52 -3.12
C GLU A 13 -2.98 -1.31 -2.25
N MET A 14 -4.19 -0.76 -2.34
CA MET A 14 -4.53 0.44 -1.59
C MET A 14 -5.14 0.09 -0.25
N ALA A 15 -4.31 -0.02 0.77
CA ALA A 15 -4.81 -0.23 2.11
C ALA A 15 -4.94 1.12 2.81
N LYS A 16 -6.12 1.70 2.67
CA LYS A 16 -6.40 3.02 3.24
C LYS A 16 -7.32 2.86 4.44
N THR A 17 -6.83 3.14 5.63
CA THR A 17 -7.67 3.02 6.82
C THR A 17 -7.96 4.41 7.40
N SER A 18 -9.19 4.60 7.86
CA SER A 18 -9.64 5.88 8.40
C SER A 18 -8.92 6.19 9.70
N SER A 19 -8.27 5.17 10.26
CA SER A 19 -7.49 5.34 11.48
C SER A 19 -6.29 6.23 11.23
N GLY A 20 -5.98 6.45 9.95
CA GLY A 20 -4.86 7.29 9.59
C GLY A 20 -3.65 6.47 9.20
N GLN A 21 -3.89 5.28 8.69
CA GLN A 21 -2.82 4.38 8.33
C GLN A 21 -2.92 3.99 6.86
N ARG A 22 -1.98 4.46 6.08
CA ARG A 22 -1.94 4.16 4.65
C ARG A 22 -0.71 3.32 4.31
N TYR A 23 -0.92 2.09 3.87
CA TYR A 23 0.19 1.25 3.49
C TYR A 23 -0.10 0.53 2.18
N PHE A 24 0.90 0.43 1.34
CA PHE A 24 0.73 -0.11 0.01
C PHE A 24 1.44 -1.44 -0.15
N LEU A 25 0.70 -2.45 -0.56
CA LEU A 25 1.27 -3.76 -0.82
C LEU A 25 1.68 -3.90 -2.28
N ASN A 26 2.84 -4.48 -2.54
CA ASN A 26 3.14 -4.93 -3.89
C ASN A 26 2.66 -6.37 -4.00
N HIS A 27 1.60 -6.59 -4.78
CA HIS A 27 1.02 -7.93 -4.93
C HIS A 27 1.94 -8.84 -5.72
N ILE A 28 3.04 -8.27 -6.18
CA ILE A 28 4.00 -8.98 -6.99
C ILE A 28 5.04 -9.62 -6.09
N ASP A 29 5.63 -8.80 -5.22
CA ASP A 29 6.71 -9.24 -4.36
C ASP A 29 6.20 -9.55 -2.94
N GLN A 30 4.98 -9.11 -2.64
CA GLN A 30 4.42 -9.19 -1.28
C GLN A 30 5.19 -8.23 -0.38
N THR A 31 5.52 -7.07 -0.94
CA THR A 31 6.33 -6.08 -0.26
C THR A 31 5.45 -5.11 0.53
N THR A 32 5.77 -4.94 1.80
CA THR A 32 5.01 -4.07 2.69
C THR A 32 5.56 -2.64 2.66
N THR A 33 4.85 -1.76 1.97
CA THR A 33 5.31 -0.39 1.77
C THR A 33 4.54 0.60 2.65
N TRP A 34 5.26 1.50 3.31
CA TRP A 34 4.62 2.54 4.13
C TRP A 34 4.78 3.92 3.49
N GLN A 35 5.45 3.96 2.34
CA GLN A 35 5.74 5.24 1.69
C GLN A 35 5.06 5.31 0.33
N ASP A 36 4.62 6.50 -0.04
CA ASP A 36 3.94 6.71 -1.31
C ASP A 36 4.91 6.55 -2.48
N PRO A 37 4.59 5.63 -3.40
CA PRO A 37 5.43 5.27 -4.54
C PRO A 37 5.91 6.45 -5.40
N ARG A 38 5.21 7.58 -5.33
CA ARG A 38 5.58 8.73 -6.15
C ARG A 38 6.80 9.43 -5.59
N LYS A 39 6.99 9.32 -4.28
CA LYS A 39 8.19 9.83 -3.64
C LYS A 39 9.17 8.69 -3.36
N ALA A 40 8.69 7.67 -2.64
CA ALA A 40 9.51 6.58 -2.17
C ALA A 40 10.73 7.11 -1.41
N SER B 1 -11.49 -12.45 2.22
CA SER B 1 -10.08 -12.21 2.61
C SER B 1 -9.79 -10.72 2.67
N TYR B 3 -9.23 -6.96 3.78
CA TYR B 3 -8.53 -6.30 4.88
C TYR B 3 -7.57 -7.25 5.59
N PRO B 4 -6.25 -7.04 5.38
CA PRO B 4 -5.22 -7.82 6.05
C PRO B 4 -4.89 -7.23 7.42
N HIS B 5 -3.64 -6.87 7.63
CA HIS B 5 -3.22 -6.19 8.85
C HIS B 5 -2.05 -5.28 8.55
N PRO B 7 1.33 -3.63 8.50
CA PRO B 7 2.67 -4.21 8.78
C PRO B 7 3.33 -3.64 10.04
N THR B 8 2.83 -2.54 10.54
CA THR B 8 3.37 -1.96 11.76
C THR B 8 2.25 -1.59 12.72
N SER B 9 1.81 -2.57 13.49
CA SER B 9 0.78 -2.38 14.50
C SER B 9 0.69 -3.61 15.38
N ASP A 5 -4.20 6.81 -14.25
CA ASP A 5 -3.89 5.36 -14.28
C ASP A 5 -2.45 5.08 -13.86
N VAL A 6 -1.51 5.85 -14.40
CA VAL A 6 -0.09 5.63 -14.12
C VAL A 6 0.38 6.22 -12.75
N PRO A 7 -0.22 7.32 -12.22
CA PRO A 7 0.20 7.86 -10.91
C PRO A 7 -0.19 6.93 -9.75
N LEU A 8 -1.00 5.93 -10.05
CA LEU A 8 -1.39 4.94 -9.06
C LEU A 8 -1.05 3.55 -9.60
N PRO A 9 0.08 2.98 -9.15
CA PRO A 9 0.53 1.66 -9.60
C PRO A 9 -0.48 0.57 -9.27
N ALA A 10 -0.79 -0.27 -10.26
CA ALA A 10 -1.89 -1.22 -10.14
C ALA A 10 -1.43 -2.54 -9.57
N GLY A 11 -0.13 -2.72 -9.45
CA GLY A 11 0.41 -3.90 -8.80
C GLY A 11 0.50 -3.71 -7.30
N TRP A 12 -0.08 -2.62 -6.83
CA TRP A 12 -0.01 -2.24 -5.44
C TRP A 12 -1.40 -2.24 -4.81
N GLU A 13 -1.52 -2.84 -3.64
CA GLU A 13 -2.80 -2.95 -2.95
C GLU A 13 -3.00 -1.74 -2.05
N MET A 14 -4.14 -1.07 -2.19
CA MET A 14 -4.42 0.11 -1.39
C MET A 14 -5.12 -0.28 -0.10
N ALA A 15 -4.35 -0.42 0.97
CA ALA A 15 -4.93 -0.67 2.26
C ALA A 15 -5.11 0.65 3.01
N LYS A 16 -6.27 1.25 2.81
CA LYS A 16 -6.56 2.55 3.38
C LYS A 16 -7.40 2.39 4.65
N THR A 17 -6.85 2.79 5.78
CA THR A 17 -7.61 2.78 7.02
C THR A 17 -7.98 4.21 7.39
N SER A 18 -9.25 4.43 7.73
CA SER A 18 -9.74 5.77 8.04
C SER A 18 -9.07 6.32 9.30
N SER A 19 -8.44 5.44 10.07
CA SER A 19 -7.73 5.85 11.27
C SER A 19 -6.46 6.63 10.91
N GLY A 20 -6.04 6.53 9.64
CA GLY A 20 -4.91 7.29 9.19
C GLY A 20 -3.71 6.45 8.81
N GLN A 21 -3.94 5.19 8.44
CA GLN A 21 -2.84 4.34 8.00
C GLN A 21 -2.98 4.06 6.51
N ARG A 22 -2.03 4.57 5.74
CA ARG A 22 -2.01 4.30 4.31
C ARG A 22 -0.77 3.47 3.96
N TYR A 23 -0.94 2.16 3.93
CA TYR A 23 0.15 1.25 3.60
C TYR A 23 -0.19 0.46 2.35
N PHE A 24 0.75 0.38 1.44
CA PHE A 24 0.53 -0.25 0.16
C PHE A 24 1.23 -1.60 0.10
N LEU A 25 0.54 -2.59 -0.44
CA LEU A 25 1.14 -3.89 -0.68
C LEU A 25 1.77 -3.93 -2.07
N ASN A 26 2.98 -4.44 -2.19
CA ASN A 26 3.50 -4.78 -3.49
C ASN A 26 3.12 -6.21 -3.76
N HIS A 27 2.12 -6.42 -4.60
CA HIS A 27 1.65 -7.78 -4.88
C HIS A 27 2.65 -8.51 -5.76
N ILE A 28 3.54 -7.76 -6.38
CA ILE A 28 4.58 -8.34 -7.22
C ILE A 28 5.83 -8.66 -6.41
N ASP A 29 6.03 -7.94 -5.32
CA ASP A 29 7.18 -8.17 -4.45
C ASP A 29 6.78 -8.98 -3.22
N GLN A 30 5.47 -8.98 -2.93
CA GLN A 30 4.91 -9.62 -1.73
C GLN A 30 5.46 -8.91 -0.48
N THR A 31 5.80 -7.63 -0.65
CA THR A 31 6.44 -6.87 0.41
C THR A 31 5.50 -5.79 0.96
N THR A 32 5.69 -5.47 2.23
CA THR A 32 4.90 -4.46 2.91
C THR A 32 5.55 -3.08 2.76
N THR A 33 4.78 -2.11 2.29
CA THR A 33 5.28 -0.77 2.01
C THR A 33 4.46 0.30 2.74
N TRP A 34 5.15 1.23 3.41
CA TRP A 34 4.47 2.37 4.04
C TRP A 34 4.65 3.64 3.21
N GLN A 35 5.72 3.67 2.43
CA GLN A 35 6.06 4.88 1.69
C GLN A 35 5.41 4.87 0.33
N ASP A 36 4.67 5.93 0.03
CA ASP A 36 4.03 6.09 -1.27
C ASP A 36 5.09 6.07 -2.38
N PRO A 37 5.03 5.07 -3.27
CA PRO A 37 6.02 4.87 -4.34
C PRO A 37 6.19 6.07 -5.27
N ARG A 38 5.26 7.01 -5.24
CA ARG A 38 5.36 8.19 -6.10
C ARG A 38 5.99 9.36 -5.35
N LYS A 39 6.02 9.27 -4.04
CA LYS A 39 6.68 10.27 -3.21
C LYS A 39 8.06 9.77 -2.80
N ALA A 40 8.28 8.48 -2.97
CA ALA A 40 9.55 7.85 -2.65
C ALA A 40 10.05 7.02 -3.82
N SER B 1 -14.25 -9.13 3.12
CA SER B 1 -13.18 -9.63 4.02
C SER B 1 -11.78 -9.32 3.46
N TYR B 3 -8.78 -7.56 3.25
CA TYR B 3 -8.02 -6.62 4.06
C TYR B 3 -6.91 -7.36 4.79
N PRO B 4 -5.65 -7.00 4.54
CA PRO B 4 -4.51 -7.58 5.24
C PRO B 4 -4.38 -7.02 6.67
N HIS B 5 -3.17 -6.65 7.04
CA HIS B 5 -2.95 -6.02 8.35
C HIS B 5 -1.77 -5.07 8.28
N PRO B 7 1.53 -3.35 8.85
CA PRO B 7 2.82 -3.94 9.19
C PRO B 7 3.33 -3.55 10.59
N THR B 8 2.74 -2.52 11.18
CA THR B 8 3.16 -2.07 12.50
C THR B 8 1.98 -2.04 13.47
N SER B 9 1.88 -3.08 14.30
CA SER B 9 0.86 -3.15 15.35
C SER B 9 1.31 -4.10 16.45
N ASP A 5 -0.28 5.19 -14.99
CA ASP A 5 0.70 4.21 -14.46
C ASP A 5 1.41 4.77 -13.22
N VAL A 6 1.75 6.05 -13.27
CA VAL A 6 2.36 6.72 -12.14
C VAL A 6 1.33 7.12 -11.08
N PRO A 7 0.22 7.80 -11.47
CA PRO A 7 -0.84 8.22 -10.54
C PRO A 7 -1.30 7.09 -9.62
N LEU A 8 -1.52 5.91 -10.16
CA LEU A 8 -1.92 4.76 -9.37
C LEU A 8 -1.36 3.48 -9.96
N PRO A 9 -0.29 2.94 -9.35
CA PRO A 9 0.30 1.67 -9.77
C PRO A 9 -0.67 0.50 -9.53
N ALA A 10 -0.77 -0.39 -10.50
CA ALA A 10 -1.86 -1.37 -10.53
C ALA A 10 -1.53 -2.66 -9.78
N GLY A 11 -0.28 -2.82 -9.38
CA GLY A 11 0.10 -3.98 -8.60
C GLY A 11 0.07 -3.68 -7.12
N TRP A 12 -0.46 -2.51 -6.77
CA TRP A 12 -0.42 -2.01 -5.41
C TRP A 12 -1.82 -1.92 -4.82
N GLU A 13 -1.95 -2.42 -3.59
CA GLU A 13 -3.22 -2.43 -2.87
C GLU A 13 -3.40 -1.15 -2.07
N MET A 14 -4.60 -0.56 -2.13
CA MET A 14 -4.89 0.63 -1.35
C MET A 14 -5.44 0.24 0.01
N ALA A 15 -4.56 0.08 0.99
CA ALA A 15 -5.02 -0.18 2.34
C ALA A 15 -5.19 1.14 3.05
N LYS A 16 -6.39 1.68 2.96
CA LYS A 16 -6.70 2.97 3.54
C LYS A 16 -7.54 2.76 4.79
N THR A 17 -6.95 2.98 5.95
CA THR A 17 -7.65 2.76 7.20
C THR A 17 -8.07 4.08 7.84
N SER A 18 -9.25 4.08 8.47
CA SER A 18 -9.80 5.26 9.14
C SER A 18 -8.89 5.71 10.28
N SER A 19 -7.98 4.85 10.68
CA SER A 19 -7.00 5.17 11.71
C SER A 19 -6.06 6.27 11.24
N GLY A 20 -6.07 6.52 9.93
CA GLY A 20 -5.18 7.53 9.35
C GLY A 20 -3.91 6.89 8.84
N GLN A 21 -4.02 5.65 8.40
CA GLN A 21 -2.87 4.89 7.96
C GLN A 21 -3.06 4.43 6.52
N ARG A 22 -2.11 4.80 5.68
CA ARG A 22 -2.15 4.44 4.27
C ARG A 22 -0.90 3.65 3.89
N TYR A 23 -1.04 2.33 3.79
CA TYR A 23 0.07 1.49 3.38
C TYR A 23 -0.32 0.69 2.15
N PHE A 24 0.60 0.58 1.21
CA PHE A 24 0.30 -0.04 -0.06
C PHE A 24 0.91 -1.43 -0.16
N LEU A 25 0.12 -2.36 -0.66
CA LEU A 25 0.60 -3.73 -0.86
C LEU A 25 1.21 -3.87 -2.24
N ASN A 26 2.33 -4.55 -2.34
CA ASN A 26 2.72 -5.07 -3.64
C ASN A 26 2.13 -6.46 -3.73
N HIS A 27 0.97 -6.55 -4.39
CA HIS A 27 0.20 -7.79 -4.42
C HIS A 27 0.97 -8.94 -5.04
N ILE A 28 1.83 -8.61 -6.00
CA ILE A 28 2.59 -9.61 -6.72
C ILE A 28 3.92 -9.91 -6.05
N ASP A 29 4.37 -8.98 -5.21
CA ASP A 29 5.64 -9.15 -4.49
C ASP A 29 5.38 -9.60 -3.05
N GLN A 30 4.12 -9.46 -2.62
CA GLN A 30 3.68 -9.84 -1.28
C GLN A 30 4.39 -9.01 -0.21
N THR A 31 4.76 -7.79 -0.57
CA THR A 31 5.48 -6.92 0.36
C THR A 31 4.64 -5.69 0.70
N THR A 32 4.82 -5.15 1.91
CA THR A 32 4.06 -4.00 2.33
C THR A 32 4.92 -2.73 2.34
N THR A 33 4.42 -1.70 1.69
CA THR A 33 5.15 -0.45 1.54
C THR A 33 4.48 0.68 2.33
N TRP A 34 5.21 1.28 3.28
CA TRP A 34 4.68 2.40 4.07
C TRP A 34 4.86 3.73 3.35
N GLN A 35 5.87 3.80 2.49
CA GLN A 35 6.17 5.03 1.77
C GLN A 35 5.47 5.06 0.43
N ASP A 36 4.73 6.13 0.19
CA ASP A 36 3.94 6.29 -1.03
C ASP A 36 4.84 6.30 -2.27
N PRO A 37 4.72 5.28 -3.15
CA PRO A 37 5.55 5.15 -4.36
C PRO A 37 5.48 6.33 -5.32
N ARG A 38 4.48 7.20 -5.17
CA ARG A 38 4.40 8.38 -6.02
C ARG A 38 5.36 9.46 -5.54
N LYS A 39 5.64 9.45 -4.24
CA LYS A 39 6.53 10.45 -3.65
C LYS A 39 7.94 9.89 -3.45
N ALA A 40 8.08 8.57 -3.53
CA ALA A 40 9.35 7.93 -3.30
C ALA A 40 9.85 7.23 -4.56
N SER B 1 -12.29 -10.85 0.02
CA SER B 1 -11.62 -9.57 0.32
C SER B 1 -10.56 -9.78 1.39
N TYR B 3 -7.95 -8.60 3.67
CA TYR B 3 -7.33 -7.53 4.43
C TYR B 3 -6.32 -8.13 5.39
N PRO B 4 -5.02 -7.79 5.19
CA PRO B 4 -3.96 -8.23 6.09
C PRO B 4 -3.93 -7.38 7.37
N HIS B 5 -2.76 -6.90 7.73
CA HIS B 5 -2.64 -6.00 8.85
C HIS B 5 -1.46 -5.06 8.62
N PRO B 7 1.86 -3.46 8.82
CA PRO B 7 3.15 -4.10 9.15
C PRO B 7 3.82 -3.54 10.40
N THR B 8 3.36 -2.40 10.88
CA THR B 8 3.95 -1.78 12.05
C THR B 8 2.87 -1.25 12.98
N SER B 9 2.70 -1.90 14.12
CA SER B 9 1.74 -1.46 15.11
C SER B 9 2.44 -1.14 16.42
N ASP A 5 -4.85 8.33 -8.52
CA ASP A 5 -4.43 6.91 -8.41
C ASP A 5 -3.58 6.48 -9.59
N VAL A 6 -3.51 7.31 -10.63
CA VAL A 6 -2.79 6.97 -11.85
C VAL A 6 -1.29 6.77 -11.60
N PRO A 7 -0.62 7.71 -10.88
CA PRO A 7 0.80 7.56 -10.49
C PRO A 7 1.04 6.33 -9.61
N LEU A 8 -0.04 5.69 -9.16
CA LEU A 8 0.06 4.59 -8.21
C LEU A 8 0.18 3.28 -8.99
N PRO A 9 1.34 2.60 -8.84
CA PRO A 9 1.64 1.33 -9.54
C PRO A 9 0.50 0.32 -9.45
N ALA A 10 0.37 -0.51 -10.49
CA ALA A 10 -0.79 -1.38 -10.63
C ALA A 10 -0.56 -2.73 -9.95
N GLY A 11 0.69 -3.01 -9.61
CA GLY A 11 1.00 -4.21 -8.84
C GLY A 11 0.84 -3.99 -7.35
N TRP A 12 0.32 -2.80 -7.00
CA TRP A 12 0.21 -2.40 -5.61
C TRP A 12 -1.25 -2.24 -5.21
N GLU A 13 -1.53 -2.56 -3.96
CA GLU A 13 -2.88 -2.52 -3.41
C GLU A 13 -3.03 -1.30 -2.51
N MET A 14 -4.15 -0.60 -2.64
CA MET A 14 -4.40 0.56 -1.80
C MET A 14 -5.10 0.17 -0.52
N ALA A 15 -4.35 0.08 0.56
CA ALA A 15 -4.94 -0.17 1.86
C ALA A 15 -5.01 1.13 2.63
N LYS A 16 -6.11 1.84 2.47
CA LYS A 16 -6.32 3.10 3.14
C LYS A 16 -7.32 2.92 4.28
N THR A 17 -6.83 2.98 5.51
CA THR A 17 -7.69 2.77 6.67
C THR A 17 -8.12 4.09 7.29
N SER A 18 -9.33 4.09 7.86
CA SER A 18 -9.93 5.29 8.45
C SER A 18 -9.11 5.80 9.64
N SER A 19 -8.21 4.96 10.13
CA SER A 19 -7.32 5.33 11.22
C SER A 19 -6.36 6.44 10.79
N GLY A 20 -6.27 6.65 9.49
CA GLY A 20 -5.35 7.65 8.96
C GLY A 20 -4.08 7.02 8.45
N GLN A 21 -4.16 5.73 8.13
CA GLN A 21 -3.00 4.97 7.72
C GLN A 21 -3.14 4.52 6.28
N ARG A 22 -2.17 4.90 5.46
CA ARG A 22 -2.14 4.47 4.07
C ARG A 22 -0.91 3.60 3.82
N TYR A 23 -1.12 2.29 3.74
CA TYR A 23 -0.02 1.38 3.48
C TYR A 23 -0.31 0.57 2.23
N PHE A 24 0.67 0.48 1.36
CA PHE A 24 0.48 -0.11 0.05
C PHE A 24 1.10 -1.50 -0.02
N LEU A 25 0.32 -2.45 -0.51
CA LEU A 25 0.78 -3.81 -0.66
C LEU A 25 1.42 -4.02 -2.03
N ASN A 26 2.52 -4.74 -2.09
CA ASN A 26 3.02 -5.19 -3.37
C ASN A 26 2.47 -6.59 -3.59
N HIS A 27 1.50 -6.72 -4.50
CA HIS A 27 0.86 -8.01 -4.73
C HIS A 27 1.82 -8.98 -5.41
N ILE A 28 3.02 -8.50 -5.70
CA ILE A 28 4.04 -9.30 -6.36
C ILE A 28 4.87 -10.03 -5.32
N ASP A 29 5.31 -9.28 -4.31
CA ASP A 29 6.16 -9.82 -3.26
C ASP A 29 5.36 -10.15 -2.00
N GLN A 30 4.13 -9.62 -1.94
CA GLN A 30 3.27 -9.71 -0.75
C GLN A 30 3.86 -8.84 0.36
N THR A 31 4.55 -7.78 -0.07
CA THR A 31 5.23 -6.87 0.85
C THR A 31 4.33 -5.70 1.24
N THR A 32 4.52 -5.18 2.44
CA THR A 32 3.72 -4.04 2.88
C THR A 32 4.60 -2.80 3.05
N THR A 33 4.32 -1.78 2.25
CA THR A 33 5.15 -0.59 2.21
C THR A 33 4.39 0.63 2.77
N TRP A 34 5.04 1.40 3.64
CA TRP A 34 4.44 2.62 4.17
C TRP A 34 4.86 3.83 3.34
N GLN A 35 5.77 3.60 2.40
CA GLN A 35 6.28 4.64 1.52
C GLN A 35 5.45 4.72 0.25
N ASP A 36 4.98 5.92 -0.07
CA ASP A 36 4.24 6.16 -1.31
C ASP A 36 5.18 6.08 -2.51
N PRO A 37 5.00 5.05 -3.35
CA PRO A 37 5.86 4.80 -4.50
C PRO A 37 5.69 5.83 -5.62
N ARG A 38 4.60 6.61 -5.55
CA ARG A 38 4.37 7.67 -6.52
C ARG A 38 5.46 8.73 -6.41
N LYS A 39 6.12 8.78 -5.26
CA LYS A 39 7.15 9.77 -5.01
C LYS A 39 8.55 9.16 -5.21
N ALA A 40 8.62 7.83 -5.25
CA ALA A 40 9.88 7.14 -5.36
C ALA A 40 9.96 6.34 -6.67
N SER B 1 -8.32 -9.24 -1.70
CA SER B 1 -9.62 -9.00 -1.03
C SER B 1 -9.62 -9.55 0.40
N TYR B 3 -7.92 -8.22 2.86
CA TYR B 3 -7.61 -7.11 3.77
C TYR B 3 -6.27 -7.32 4.45
N PRO B 4 -5.26 -6.52 4.07
CA PRO B 4 -3.95 -6.56 4.70
C PRO B 4 -3.97 -5.86 6.04
N HIS B 5 -3.24 -6.40 7.00
CA HIS B 5 -3.15 -5.78 8.32
C HIS B 5 -1.99 -4.80 8.35
N PRO B 7 1.12 -3.06 9.06
CA PRO B 7 2.40 -3.60 9.55
C PRO B 7 2.91 -2.96 10.84
N THR B 8 2.38 -1.81 11.22
CA THR B 8 2.82 -1.15 12.44
C THR B 8 1.97 -1.56 13.63
N SER B 9 2.30 -2.70 14.22
CA SER B 9 1.62 -3.19 15.40
C SER B 9 2.63 -3.45 16.51
N ASP A 5 -3.59 7.36 -13.82
CA ASP A 5 -3.16 5.94 -13.85
C ASP A 5 -1.75 5.76 -13.32
N VAL A 6 -0.90 6.77 -13.44
CA VAL A 6 0.46 6.68 -12.91
C VAL A 6 0.54 6.91 -11.38
N PRO A 7 -0.37 7.72 -10.75
CA PRO A 7 -0.32 7.87 -9.29
C PRO A 7 -0.84 6.63 -8.57
N LEU A 8 -1.40 5.70 -9.32
CA LEU A 8 -1.91 4.48 -8.75
C LEU A 8 -1.33 3.28 -9.49
N PRO A 9 -0.18 2.77 -9.02
CA PRO A 9 0.47 1.60 -9.61
C PRO A 9 -0.40 0.35 -9.44
N ALA A 10 -0.50 -0.46 -10.50
CA ALA A 10 -1.49 -1.52 -10.55
C ALA A 10 -0.96 -2.83 -9.97
N GLY A 11 0.32 -2.85 -9.64
CA GLY A 11 0.89 -4.00 -8.95
C GLY A 11 0.85 -3.80 -7.45
N TRP A 12 0.14 -2.77 -7.02
CA TRP A 12 0.10 -2.39 -5.61
C TRP A 12 -1.33 -2.51 -5.08
N GLU A 13 -1.52 -2.22 -3.80
CA GLU A 13 -2.82 -2.36 -3.16
C GLU A 13 -3.06 -1.20 -2.20
N MET A 14 -4.27 -0.62 -2.25
CA MET A 14 -4.61 0.47 -1.35
C MET A 14 -5.23 -0.07 -0.07
N ALA A 15 -4.47 -0.06 1.00
CA ALA A 15 -5.01 -0.38 2.29
C ALA A 15 -5.09 0.87 3.14
N LYS A 16 -6.24 1.52 3.09
CA LYS A 16 -6.43 2.80 3.74
C LYS A 16 -7.35 2.66 4.95
N THR A 17 -6.79 2.77 6.14
CA THR A 17 -7.58 2.64 7.36
C THR A 17 -8.03 4.01 7.86
N SER A 18 -9.23 4.06 8.44
CA SER A 18 -9.84 5.29 8.89
C SER A 18 -9.08 5.90 10.07
N SER A 19 -8.24 5.09 10.71
CA SER A 19 -7.44 5.57 11.82
C SER A 19 -6.37 6.55 11.33
N GLY A 20 -6.16 6.57 10.02
CA GLY A 20 -5.18 7.46 9.45
C GLY A 20 -3.89 6.74 9.12
N GLN A 21 -4.02 5.50 8.68
CA GLN A 21 -2.86 4.69 8.36
C GLN A 21 -2.92 4.24 6.91
N ARG A 22 -2.03 4.79 6.10
CA ARG A 22 -1.98 4.48 4.69
C ARG A 22 -0.77 3.59 4.36
N TYR A 23 -1.01 2.33 4.07
CA TYR A 23 0.08 1.42 3.71
C TYR A 23 -0.27 0.69 2.43
N PHE A 24 0.71 0.61 1.53
CA PHE A 24 0.48 0.03 0.22
C PHE A 24 1.10 -1.35 0.12
N LEU A 25 0.37 -2.28 -0.46
CA LEU A 25 0.88 -3.62 -0.68
C LEU A 25 1.58 -3.71 -2.03
N ASN A 26 2.69 -4.41 -2.12
CA ASN A 26 3.23 -4.81 -3.39
C ASN A 26 2.72 -6.21 -3.68
N HIS A 27 1.83 -6.35 -4.65
CA HIS A 27 1.21 -7.65 -4.96
C HIS A 27 2.23 -8.58 -5.61
N ILE A 28 3.36 -8.02 -6.01
CA ILE A 28 4.39 -8.79 -6.69
C ILE A 28 5.36 -9.40 -5.68
N ASP A 29 5.96 -8.53 -4.88
CA ASP A 29 6.90 -8.95 -3.86
C ASP A 29 6.18 -9.46 -2.62
N GLN A 30 4.87 -9.17 -2.53
CA GLN A 30 4.05 -9.56 -1.38
C GLN A 30 4.57 -8.87 -0.12
N THR A 31 5.01 -7.63 -0.30
CA THR A 31 5.60 -6.87 0.79
C THR A 31 4.78 -5.63 1.07
N THR A 32 4.78 -5.17 2.31
CA THR A 32 3.98 -4.02 2.70
C THR A 32 4.85 -2.78 2.88
N THR A 33 4.48 -1.71 2.20
CA THR A 33 5.27 -0.49 2.16
C THR A 33 4.52 0.67 2.82
N TRP A 34 5.20 1.40 3.72
CA TRP A 34 4.64 2.62 4.29
C TRP A 34 5.07 3.84 3.47
N GLN A 35 5.96 3.59 2.52
CA GLN A 35 6.53 4.66 1.69
C GLN A 35 5.70 4.83 0.43
N ASP A 36 5.37 6.07 0.12
CA ASP A 36 4.57 6.42 -1.05
C ASP A 36 5.36 6.23 -2.35
N PRO A 37 4.93 5.29 -3.21
CA PRO A 37 5.67 4.94 -4.43
C PRO A 37 5.73 6.07 -5.46
N ARG A 38 4.88 7.08 -5.31
CA ARG A 38 4.91 8.22 -6.24
C ARG A 38 6.06 9.15 -5.89
N LYS A 39 6.61 8.98 -4.71
CA LYS A 39 7.73 9.81 -4.25
C LYS A 39 9.04 9.19 -4.70
N ALA A 40 8.97 7.92 -5.11
CA ALA A 40 10.12 7.18 -5.60
C ALA A 40 11.19 7.02 -4.52
N SER B 1 -12.29 -11.76 0.60
CA SER B 1 -12.52 -10.52 1.37
C SER B 1 -11.30 -10.17 2.22
N TYR B 3 -8.42 -8.59 3.73
CA TYR B 3 -7.86 -7.25 3.81
C TYR B 3 -6.55 -7.28 4.58
N PRO B 4 -5.46 -6.79 3.95
CA PRO B 4 -4.13 -6.79 4.56
C PRO B 4 -4.07 -6.02 5.88
N HIS B 5 -3.38 -6.59 6.85
CA HIS B 5 -3.23 -5.96 8.15
C HIS B 5 -1.98 -5.08 8.14
N PRO B 7 1.44 -3.49 8.71
CA PRO B 7 2.74 -4.06 9.11
C PRO B 7 3.16 -3.66 10.53
N THR B 8 2.70 -2.50 10.96
CA THR B 8 3.01 -1.99 12.28
C THR B 8 1.79 -1.33 12.90
N SER B 9 1.15 -2.04 13.82
CA SER B 9 0.01 -1.50 14.55
C SER B 9 0.46 -1.12 15.95
N ASP A 5 -3.12 4.80 -15.26
CA ASP A 5 -2.41 3.65 -14.63
C ASP A 5 -1.21 4.13 -13.83
N VAL A 6 -0.61 5.24 -14.23
CA VAL A 6 0.57 5.77 -13.54
C VAL A 6 0.25 6.57 -12.24
N PRO A 7 -0.93 7.24 -12.09
CA PRO A 7 -1.23 7.97 -10.84
C PRO A 7 -1.38 7.03 -9.65
N LEU A 8 -1.55 5.75 -9.94
CA LEU A 8 -1.63 4.73 -8.90
C LEU A 8 -1.09 3.42 -9.48
N PRO A 9 0.14 3.06 -9.10
CA PRO A 9 0.83 1.86 -9.61
C PRO A 9 -0.06 0.60 -9.50
N ALA A 10 0.03 -0.26 -10.50
CA ALA A 10 -0.97 -1.31 -10.70
C ALA A 10 -0.60 -2.60 -9.97
N GLY A 11 0.45 -2.57 -9.17
CA GLY A 11 0.77 -3.71 -8.34
C GLY A 11 0.58 -3.38 -6.88
N TRP A 12 -0.13 -2.29 -6.61
CA TRP A 12 -0.23 -1.73 -5.28
C TRP A 12 -1.68 -1.63 -4.82
N GLU A 13 -1.93 -2.11 -3.61
CA GLU A 13 -3.25 -2.12 -3.01
C GLU A 13 -3.40 -0.93 -2.06
N MET A 14 -4.53 -0.25 -2.11
CA MET A 14 -4.77 0.89 -1.23
C MET A 14 -5.42 0.43 0.06
N ALA A 15 -4.66 0.40 1.14
CA ALA A 15 -5.22 0.12 2.44
C ALA A 15 -5.35 1.42 3.23
N LYS A 16 -6.50 2.07 3.07
CA LYS A 16 -6.76 3.33 3.74
C LYS A 16 -7.58 3.08 5.00
N THR A 17 -6.98 3.33 6.16
CA THR A 17 -7.64 3.03 7.42
C THR A 17 -8.04 4.30 8.16
N SER A 18 -9.16 4.23 8.90
CA SER A 18 -9.71 5.37 9.62
C SER A 18 -8.78 5.79 10.76
N SER A 19 -7.84 4.91 11.10
CA SER A 19 -6.84 5.19 12.12
C SER A 19 -5.89 6.28 11.62
N GLY A 20 -5.93 6.55 10.32
CA GLY A 20 -5.04 7.53 9.75
C GLY A 20 -3.79 6.87 9.20
N GLN A 21 -3.95 5.69 8.65
CA GLN A 21 -2.83 4.91 8.15
C GLN A 21 -3.05 4.48 6.71
N ARG A 22 -2.15 4.91 5.84
CA ARG A 22 -2.20 4.51 4.44
C ARG A 22 -0.96 3.67 4.08
N TYR A 23 -1.14 2.36 4.04
CA TYR A 23 -0.05 1.48 3.66
C TYR A 23 -0.46 0.68 2.43
N PHE A 24 0.45 0.57 1.48
CA PHE A 24 0.13 -0.04 0.21
C PHE A 24 0.69 -1.44 0.12
N LEU A 25 -0.11 -2.35 -0.42
CA LEU A 25 0.33 -3.72 -0.65
C LEU A 25 0.97 -3.88 -2.02
N ASN A 26 2.19 -4.38 -2.07
CA ASN A 26 2.76 -4.74 -3.36
C ASN A 26 2.38 -6.19 -3.60
N HIS A 27 1.32 -6.40 -4.37
CA HIS A 27 0.78 -7.74 -4.60
C HIS A 27 1.76 -8.59 -5.40
N ILE A 28 2.83 -7.97 -5.84
CA ILE A 28 3.87 -8.64 -6.58
C ILE A 28 4.91 -9.23 -5.63
N ASP A 29 5.23 -8.49 -4.57
CA ASP A 29 6.24 -8.94 -3.61
C ASP A 29 5.59 -9.56 -2.37
N GLN A 30 4.28 -9.33 -2.22
CA GLN A 30 3.54 -9.72 -1.00
C GLN A 30 4.04 -8.87 0.16
N THR A 31 4.64 -7.75 -0.21
CA THR A 31 5.29 -6.86 0.72
C THR A 31 4.44 -5.63 0.99
N THR A 32 4.38 -5.21 2.24
CA THR A 32 3.60 -4.05 2.61
C THR A 32 4.50 -2.83 2.74
N THR A 33 4.22 -1.80 1.95
CA THR A 33 5.06 -0.63 1.87
C THR A 33 4.35 0.59 2.50
N TRP A 34 4.92 1.15 3.57
CA TRP A 34 4.40 2.36 4.18
C TRP A 34 4.80 3.60 3.37
N GLN A 35 5.67 3.40 2.39
CA GLN A 35 6.19 4.49 1.59
C GLN A 35 5.41 4.63 0.28
N ASP A 36 4.94 5.83 0.00
CA ASP A 36 4.22 6.09 -1.24
C ASP A 36 5.19 6.03 -2.42
N PRO A 37 4.93 5.11 -3.37
CA PRO A 37 5.84 4.85 -4.48
C PRO A 37 5.99 6.03 -5.43
N ARG A 38 5.09 6.98 -5.33
CA ARG A 38 5.10 8.12 -6.22
C ARG A 38 5.99 9.24 -5.68
N LYS A 39 6.35 9.12 -4.41
CA LYS A 39 7.20 10.11 -3.77
C LYS A 39 8.66 9.68 -3.77
N ALA A 40 8.88 8.40 -4.05
CA ALA A 40 10.23 7.87 -4.12
C ALA A 40 10.32 6.74 -5.14
N SER B 1 -11.18 -11.97 0.61
CA SER B 1 -10.07 -11.48 1.46
C SER B 1 -9.08 -10.66 0.65
N TYR B 3 -8.18 -7.16 2.15
CA TYR B 3 -7.56 -6.34 3.17
C TYR B 3 -6.70 -7.20 4.09
N PRO B 4 -5.41 -6.87 4.19
CA PRO B 4 -4.46 -7.57 5.06
C PRO B 4 -4.49 -7.03 6.50
N HIS B 5 -3.33 -6.68 7.02
CA HIS B 5 -3.22 -6.08 8.34
C HIS B 5 -2.02 -5.15 8.37
N PRO B 7 1.26 -3.58 8.88
CA PRO B 7 2.54 -4.25 9.14
C PRO B 7 3.25 -3.78 10.42
N THR B 8 2.82 -2.67 10.97
CA THR B 8 3.48 -2.11 12.13
C THR B 8 2.55 -2.10 13.34
N SER B 9 2.90 -2.87 14.36
CA SER B 9 2.14 -2.93 15.58
C SER B 9 3.08 -3.02 16.78
N ASP A 5 -2.93 6.43 -15.44
CA ASP A 5 -2.93 5.15 -14.71
C ASP A 5 -1.75 5.07 -13.72
N VAL A 6 -0.83 6.02 -13.80
CA VAL A 6 0.37 5.97 -12.94
C VAL A 6 0.14 6.43 -11.48
N PRO A 7 -0.86 7.31 -11.15
CA PRO A 7 -1.08 7.75 -9.76
C PRO A 7 -1.59 6.63 -8.87
N LEU A 8 -1.96 5.51 -9.47
CA LEU A 8 -2.43 4.36 -8.71
C LEU A 8 -1.79 3.09 -9.29
N PRO A 9 -0.69 2.62 -8.65
CA PRO A 9 0.01 1.41 -9.08
C PRO A 9 -0.85 0.16 -8.85
N ALA A 10 -0.92 -0.71 -9.86
CA ALA A 10 -1.87 -1.83 -9.85
C ALA A 10 -1.29 -3.07 -9.20
N GLY A 11 0.02 -3.12 -9.04
CA GLY A 11 0.64 -4.21 -8.31
C GLY A 11 0.62 -3.95 -6.82
N TRP A 12 -0.09 -2.90 -6.44
CA TRP A 12 -0.09 -2.41 -5.07
C TRP A 12 -1.51 -2.42 -4.52
N GLU A 13 -1.64 -2.88 -3.28
CA GLU A 13 -2.93 -2.98 -2.61
C GLU A 13 -3.23 -1.70 -1.83
N MET A 14 -4.47 -1.25 -1.90
CA MET A 14 -4.87 -0.05 -1.19
C MET A 14 -5.37 -0.39 0.20
N ALA A 15 -4.57 -0.15 1.20
CA ALA A 15 -5.02 -0.26 2.57
C ALA A 15 -5.17 1.11 3.17
N LYS A 16 -6.35 1.69 3.02
CA LYS A 16 -6.63 3.02 3.52
C LYS A 16 -7.49 2.94 4.78
N THR A 17 -6.89 3.20 5.93
CA THR A 17 -7.60 3.13 7.18
C THR A 17 -7.86 4.54 7.74
N SER A 18 -9.09 4.78 8.19
CA SER A 18 -9.47 6.09 8.71
C SER A 18 -8.67 6.47 9.95
N SER A 19 -8.00 5.48 10.54
CA SER A 19 -7.12 5.70 11.67
C SER A 19 -5.95 6.61 11.27
N GLY A 20 -5.75 6.78 9.96
CA GLY A 20 -4.67 7.61 9.47
C GLY A 20 -3.53 6.79 8.94
N GLN A 21 -3.77 5.52 8.71
CA GLN A 21 -2.72 4.62 8.24
C GLN A 21 -2.95 4.25 6.78
N ARG A 22 -2.12 4.80 5.91
CA ARG A 22 -2.17 4.45 4.50
C ARG A 22 -0.91 3.66 4.11
N TYR A 23 -1.05 2.36 3.92
CA TYR A 23 0.07 1.53 3.53
C TYR A 23 -0.29 0.73 2.29
N PHE A 24 0.63 0.66 1.35
CA PHE A 24 0.39 -0.05 0.11
C PHE A 24 1.16 -1.37 0.11
N LEU A 25 0.47 -2.44 -0.24
CA LEU A 25 1.07 -3.76 -0.35
C LEU A 25 1.61 -3.99 -1.74
N ASN A 26 2.74 -4.66 -1.88
CA ASN A 26 3.11 -5.19 -3.17
C ASN A 26 2.54 -6.57 -3.30
N HIS A 27 1.55 -6.74 -4.18
CA HIS A 27 0.90 -8.05 -4.34
C HIS A 27 1.82 -9.03 -5.06
N ILE A 28 2.92 -8.52 -5.59
CA ILE A 28 3.86 -9.34 -6.33
C ILE A 28 4.90 -9.93 -5.38
N ASP A 29 5.44 -9.08 -4.52
CA ASP A 29 6.44 -9.51 -3.54
C ASP A 29 5.77 -9.92 -2.23
N GLN A 30 4.49 -9.55 -2.09
CA GLN A 30 3.71 -9.79 -0.88
C GLN A 30 4.36 -9.08 0.30
N THR A 31 4.92 -7.91 0.03
CA THR A 31 5.68 -7.18 1.04
C THR A 31 4.93 -5.92 1.48
N THR A 32 5.15 -5.53 2.72
CA THR A 32 4.50 -4.37 3.31
C THR A 32 5.31 -3.10 3.08
N THR A 33 4.66 -2.05 2.60
CA THR A 33 5.35 -0.80 2.29
C THR A 33 4.60 0.43 2.85
N TRP A 34 5.28 1.22 3.69
CA TRP A 34 4.70 2.47 4.20
C TRP A 34 5.12 3.65 3.32
N GLN A 35 6.00 3.38 2.37
CA GLN A 35 6.54 4.44 1.53
C GLN A 35 5.68 4.63 0.29
N ASP A 36 5.33 5.89 0.04
CA ASP A 36 4.50 6.24 -1.12
C ASP A 36 5.32 6.11 -2.40
N PRO A 37 4.96 5.15 -3.28
CA PRO A 37 5.68 4.90 -4.53
C PRO A 37 5.36 5.93 -5.60
N ARG A 38 4.29 6.67 -5.34
CA ARG A 38 3.82 7.71 -6.22
C ARG A 38 4.60 8.99 -5.96
N LYS A 39 5.12 9.08 -4.74
CA LYS A 39 6.04 10.13 -4.36
C LYS A 39 7.44 9.80 -4.89
N ALA A 40 7.96 8.65 -4.45
CA ALA A 40 9.30 8.18 -4.81
C ALA A 40 10.36 9.18 -4.38
N SER B 1 -8.04 -5.79 -3.13
CA SER B 1 -8.57 -7.16 -3.05
C SER B 1 -9.08 -7.44 -1.64
N TYR B 3 -8.49 -7.06 2.66
CA TYR B 3 -7.85 -6.22 3.67
C TYR B 3 -6.74 -6.99 4.39
N PRO B 4 -5.50 -6.50 4.32
CA PRO B 4 -4.35 -7.13 4.97
C PRO B 4 -4.25 -6.76 6.45
N HIS B 5 -3.06 -6.40 6.88
CA HIS B 5 -2.84 -5.94 8.25
C HIS B 5 -1.68 -4.95 8.28
N PRO B 7 1.58 -3.11 8.99
CA PRO B 7 2.89 -3.69 9.28
C PRO B 7 3.41 -3.37 10.68
N THR B 8 2.81 -2.40 11.34
CA THR B 8 3.25 -2.00 12.67
C THR B 8 2.18 -2.28 13.72
N SER B 9 2.35 -3.37 14.44
CA SER B 9 1.47 -3.74 15.54
C SER B 9 2.22 -4.66 16.51
N ASP A 5 -4.36 7.50 -13.99
CA ASP A 5 -4.18 6.03 -14.07
C ASP A 5 -2.87 5.60 -13.41
N VAL A 6 -1.82 6.40 -13.60
CA VAL A 6 -0.51 6.06 -13.05
C VAL A 6 -0.35 6.36 -11.54
N PRO A 7 -1.09 7.32 -10.90
CA PRO A 7 -0.91 7.59 -9.46
C PRO A 7 -1.35 6.42 -8.60
N LEU A 8 -2.00 5.43 -9.21
CA LEU A 8 -2.42 4.24 -8.52
C LEU A 8 -1.75 3.02 -9.18
N PRO A 9 -0.69 2.50 -8.57
CA PRO A 9 0.00 1.31 -9.08
C PRO A 9 -0.87 0.07 -8.92
N ALA A 10 -0.93 -0.76 -9.96
CA ALA A 10 -1.94 -1.82 -10.03
C ALA A 10 -1.45 -3.14 -9.41
N GLY A 11 -0.18 -3.20 -9.06
CA GLY A 11 0.34 -4.37 -8.37
C GLY A 11 0.35 -4.17 -6.87
N TRP A 12 -0.26 -3.08 -6.44
CA TRP A 12 -0.22 -2.68 -5.04
C TRP A 12 -1.62 -2.68 -4.45
N GLU A 13 -1.75 -3.24 -3.24
CA GLU A 13 -3.02 -3.31 -2.55
C GLU A 13 -3.22 -2.07 -1.68
N MET A 14 -4.39 -1.45 -1.79
CA MET A 14 -4.67 -0.23 -1.05
C MET A 14 -5.28 -0.55 0.30
N ALA A 15 -4.50 -0.39 1.35
CA ALA A 15 -5.02 -0.51 2.69
C ALA A 15 -5.13 0.88 3.31
N LYS A 16 -6.29 1.49 3.12
CA LYS A 16 -6.51 2.86 3.53
C LYS A 16 -7.32 2.91 4.82
N THR A 17 -6.71 3.39 5.89
CA THR A 17 -7.42 3.53 7.15
C THR A 17 -7.61 5.00 7.50
N SER A 18 -8.79 5.34 8.02
CA SER A 18 -9.10 6.72 8.38
C SER A 18 -8.32 7.12 9.62
N SER A 19 -7.75 6.13 10.30
CA SER A 19 -6.90 6.35 11.45
C SER A 19 -5.62 7.11 11.05
N GLY A 20 -5.36 7.15 9.75
CA GLY A 20 -4.20 7.88 9.26
C GLY A 20 -3.09 6.96 8.81
N GLN A 21 -3.46 5.77 8.34
CA GLN A 21 -2.46 4.82 7.87
C GLN A 21 -2.83 4.32 6.48
N ARG A 22 -2.10 4.78 5.47
CA ARG A 22 -2.26 4.27 4.13
C ARG A 22 -1.01 3.49 3.73
N TYR A 23 -1.03 2.20 4.01
CA TYR A 23 0.10 1.34 3.71
C TYR A 23 -0.23 0.46 2.53
N PHE A 24 0.74 0.29 1.64
CA PHE A 24 0.51 -0.44 0.41
C PHE A 24 1.18 -1.80 0.43
N LEU A 25 0.46 -2.80 -0.04
CA LEU A 25 1.01 -4.13 -0.22
C LEU A 25 1.54 -4.32 -1.63
N ASN A 26 2.68 -4.96 -1.79
CA ASN A 26 3.05 -5.46 -3.10
C ASN A 26 2.52 -6.87 -3.22
N HIS A 27 1.54 -7.06 -4.10
CA HIS A 27 0.88 -8.36 -4.28
C HIS A 27 1.78 -9.33 -5.02
N ILE A 28 2.92 -8.84 -5.47
CA ILE A 28 3.87 -9.64 -6.22
C ILE A 28 4.84 -10.30 -5.25
N ASP A 29 5.67 -9.47 -4.66
CA ASP A 29 6.73 -9.93 -3.77
C ASP A 29 6.22 -10.20 -2.36
N GLN A 30 5.02 -9.68 -2.09
CA GLN A 30 4.42 -9.73 -0.75
C GLN A 30 5.26 -8.89 0.21
N THR A 31 5.14 -7.58 0.10
CA THR A 31 5.91 -6.68 0.94
C THR A 31 5.03 -5.61 1.56
N THR A 32 5.35 -5.27 2.80
CA THR A 32 4.64 -4.24 3.55
C THR A 32 5.28 -2.87 3.30
N THR A 33 4.54 -1.98 2.66
CA THR A 33 5.09 -0.71 2.23
C THR A 33 4.41 0.47 2.97
N TRP A 34 5.22 1.36 3.56
CA TRP A 34 4.69 2.56 4.21
C TRP A 34 4.96 3.80 3.36
N GLN A 35 5.87 3.65 2.40
CA GLN A 35 6.24 4.76 1.53
C GLN A 35 5.37 4.76 0.28
N ASP A 36 4.79 5.92 -0.03
CA ASP A 36 4.00 6.05 -1.25
C ASP A 36 4.92 6.02 -2.47
N PRO A 37 4.72 5.03 -3.36
CA PRO A 37 5.60 4.80 -4.50
C PRO A 37 5.62 5.97 -5.48
N ARG A 38 4.67 6.88 -5.37
CA ARG A 38 4.58 8.00 -6.29
C ARG A 38 5.34 9.20 -5.73
N LYS A 39 5.65 9.14 -4.45
CA LYS A 39 6.37 10.23 -3.79
C LYS A 39 7.87 10.04 -3.93
N ALA A 40 8.31 8.79 -4.09
CA ALA A 40 9.72 8.49 -4.17
C ALA A 40 10.18 8.49 -5.63
N SER B 1 -7.78 -7.17 -3.75
CA SER B 1 -9.14 -7.37 -3.23
C SER B 1 -9.12 -7.94 -1.82
N TYR B 3 -7.94 -7.53 2.11
CA TYR B 3 -7.55 -6.54 3.10
C TYR B 3 -6.49 -7.12 4.03
N PRO B 4 -5.30 -6.52 4.05
CA PRO B 4 -4.20 -6.98 4.89
C PRO B 4 -4.31 -6.47 6.32
N HIS B 5 -3.17 -6.20 6.93
CA HIS B 5 -3.12 -5.70 8.30
C HIS B 5 -1.89 -4.81 8.47
N PRO B 7 1.36 -3.14 9.24
CA PRO B 7 2.64 -3.80 9.57
C PRO B 7 3.20 -3.42 10.94
N THR B 8 2.68 -2.34 11.52
CA THR B 8 3.18 -1.86 12.80
C THR B 8 2.31 -2.35 13.96
N SER B 9 1.45 -3.32 13.69
CA SER B 9 0.59 -3.87 14.72
C SER B 9 0.24 -5.33 14.41
N ASP A 5 -2.20 4.60 -14.41
CA ASP A 5 -0.92 3.83 -14.27
C ASP A 5 0.05 4.54 -13.33
N VAL A 6 0.27 5.83 -13.55
CA VAL A 6 1.13 6.63 -12.67
C VAL A 6 0.41 7.09 -11.38
N PRO A 7 -0.80 7.69 -11.49
CA PRO A 7 -1.56 8.16 -10.32
C PRO A 7 -1.97 7.03 -9.40
N LEU A 8 -2.01 5.81 -9.94
CA LEU A 8 -2.31 4.64 -9.16
C LEU A 8 -1.60 3.44 -9.78
N PRO A 9 -0.50 2.97 -9.15
CA PRO A 9 0.22 1.78 -9.59
C PRO A 9 -0.63 0.53 -9.39
N ALA A 10 -0.71 -0.30 -10.44
CA ALA A 10 -1.71 -1.37 -10.49
C ALA A 10 -1.21 -2.68 -9.88
N GLY A 11 0.02 -2.70 -9.40
CA GLY A 11 0.53 -3.87 -8.71
C GLY A 11 0.50 -3.67 -7.21
N TRP A 12 -0.13 -2.58 -6.79
CA TRP A 12 -0.12 -2.15 -5.41
C TRP A 12 -1.53 -2.16 -4.83
N GLU A 13 -1.66 -2.65 -3.61
CA GLU A 13 -2.95 -2.74 -2.94
C GLU A 13 -3.17 -1.52 -2.06
N MET A 14 -4.38 -0.96 -2.09
CA MET A 14 -4.71 0.17 -1.24
C MET A 14 -5.26 -0.34 0.08
N ALA A 15 -4.40 -0.50 1.05
CA ALA A 15 -4.85 -0.89 2.38
C ALA A 15 -5.02 0.35 3.24
N LYS A 16 -6.23 0.89 3.18
CA LYS A 16 -6.55 2.13 3.87
C LYS A 16 -7.35 1.83 5.13
N THR A 17 -6.81 2.18 6.29
CA THR A 17 -7.52 1.99 7.55
C THR A 17 -8.00 3.32 8.12
N SER A 18 -9.20 3.29 8.71
CA SER A 18 -9.80 4.48 9.28
C SER A 18 -9.05 4.92 10.54
N SER A 19 -8.21 4.03 11.07
CA SER A 19 -7.34 4.36 12.18
C SER A 19 -6.36 5.46 11.80
N GLY A 20 -6.22 5.70 10.49
CA GLY A 20 -5.36 6.77 10.03
C GLY A 20 -4.10 6.27 9.36
N GLN A 21 -4.13 5.05 8.84
CA GLN A 21 -2.95 4.49 8.20
C GLN A 21 -3.27 4.04 6.79
N ARG A 22 -2.43 4.45 5.85
CA ARG A 22 -2.56 4.01 4.47
C ARG A 22 -1.25 3.36 4.01
N TYR A 23 -1.25 2.03 3.86
CA TYR A 23 -0.05 1.35 3.43
C TYR A 23 -0.32 0.58 2.15
N PHE A 24 0.65 0.55 1.27
CA PHE A 24 0.48 -0.11 -0.02
C PHE A 24 1.20 -1.44 -0.04
N LEU A 25 0.47 -2.48 -0.44
CA LEU A 25 1.06 -3.79 -0.64
C LEU A 25 1.58 -3.96 -2.06
N ASN A 26 2.76 -4.55 -2.22
CA ASN A 26 3.17 -4.99 -3.53
C ASN A 26 2.69 -6.41 -3.71
N HIS A 27 1.65 -6.59 -4.52
CA HIS A 27 1.06 -7.92 -4.72
C HIS A 27 1.99 -8.81 -5.50
N ILE A 28 3.08 -8.23 -5.99
CA ILE A 28 4.08 -8.97 -6.72
C ILE A 28 5.13 -9.52 -5.76
N ASP A 29 5.53 -8.70 -4.79
CA ASP A 29 6.62 -9.05 -3.89
C ASP A 29 6.10 -9.58 -2.56
N GLN A 30 4.80 -9.36 -2.29
CA GLN A 30 4.19 -9.71 -0.99
C GLN A 30 4.82 -8.80 0.07
N THR A 31 5.26 -7.66 -0.41
CA THR A 31 6.10 -6.77 0.36
C THR A 31 5.31 -5.54 0.84
N THR A 32 5.54 -5.20 2.10
CA THR A 32 4.85 -4.08 2.75
C THR A 32 5.62 -2.79 2.56
N THR A 33 4.89 -1.72 2.22
CA THR A 33 5.53 -0.45 1.93
C THR A 33 4.69 0.73 2.48
N TRP A 34 5.34 1.63 3.22
CA TRP A 34 4.67 2.83 3.73
C TRP A 34 4.97 4.05 2.88
N GLN A 35 5.98 3.93 2.02
CA GLN A 35 6.41 5.06 1.22
C GLN A 35 5.66 5.11 -0.10
N ASP A 36 5.15 6.29 -0.44
CA ASP A 36 4.45 6.49 -1.70
C ASP A 36 5.40 6.31 -2.88
N PRO A 37 5.12 5.32 -3.73
CA PRO A 37 5.99 4.96 -4.85
C PRO A 37 6.08 6.03 -5.94
N ARG A 38 5.15 6.97 -5.91
CA ARG A 38 5.05 7.97 -6.96
C ARG A 38 6.00 9.14 -6.70
N LYS A 39 6.38 9.34 -5.44
CA LYS A 39 7.33 10.39 -5.11
C LYS A 39 8.73 9.82 -4.92
N ALA A 40 8.81 8.50 -4.78
CA ALA A 40 10.09 7.82 -4.61
C ALA A 40 10.78 7.62 -5.96
N SER B 1 -11.94 -5.98 -0.53
CA SER B 1 -10.49 -6.12 -0.80
C SER B 1 -9.83 -6.96 0.30
N TYR B 3 -9.19 -6.83 4.28
CA TYR B 3 -8.13 -6.23 5.09
C TYR B 3 -7.36 -7.30 5.86
N PRO B 4 -6.05 -7.38 5.64
CA PRO B 4 -5.16 -8.23 6.45
C PRO B 4 -4.85 -7.56 7.79
N HIS B 5 -3.60 -7.19 7.99
CA HIS B 5 -3.24 -6.33 9.10
C HIS B 5 -2.02 -5.50 8.72
N PRO B 7 1.44 -3.18 8.72
CA PRO B 7 2.78 -3.35 9.26
C PRO B 7 2.93 -2.67 10.63
N THR B 8 1.98 -1.80 10.96
CA THR B 8 1.98 -1.08 12.22
C THR B 8 1.24 -1.87 13.30
N SER B 9 1.87 -1.99 14.46
CA SER B 9 1.25 -2.62 15.61
C SER B 9 1.86 -2.05 16.89
N ASP A 5 -2.90 6.41 -15.57
CA ASP A 5 -2.84 5.16 -14.78
C ASP A 5 -1.56 5.09 -13.94
N VAL A 6 -0.64 6.02 -14.19
CA VAL A 6 0.65 6.03 -13.50
C VAL A 6 0.58 6.54 -12.03
N PRO A 7 -0.34 7.46 -11.64
CA PRO A 7 -0.35 8.01 -10.27
C PRO A 7 -0.61 6.97 -9.19
N LEU A 8 -1.00 5.77 -9.59
CA LEU A 8 -1.22 4.69 -8.64
C LEU A 8 -0.85 3.37 -9.30
N PRO A 9 0.30 2.80 -8.91
CA PRO A 9 0.78 1.51 -9.43
C PRO A 9 -0.24 0.40 -9.17
N ALA A 10 -0.46 -0.44 -10.17
CA ALA A 10 -1.59 -1.38 -10.15
C ALA A 10 -1.21 -2.71 -9.50
N GLY A 11 0.06 -2.88 -9.20
CA GLY A 11 0.50 -4.06 -8.49
C GLY A 11 0.54 -3.83 -7.00
N TRP A 12 0.03 -2.68 -6.59
CA TRP A 12 0.06 -2.27 -5.20
C TRP A 12 -1.35 -2.25 -4.62
N GLU A 13 -1.52 -2.83 -3.45
CA GLU A 13 -2.81 -2.93 -2.81
C GLU A 13 -3.05 -1.71 -1.91
N MET A 14 -4.22 -1.09 -2.04
CA MET A 14 -4.53 0.10 -1.26
C MET A 14 -5.20 -0.28 0.05
N ALA A 15 -4.40 -0.44 1.09
CA ALA A 15 -4.94 -0.69 2.40
C ALA A 15 -5.16 0.61 3.13
N LYS A 16 -6.36 1.14 3.00
CA LYS A 16 -6.70 2.43 3.59
C LYS A 16 -7.60 2.21 4.81
N THR A 17 -7.06 2.43 6.00
CA THR A 17 -7.84 2.27 7.22
C THR A 17 -8.32 3.61 7.75
N SER A 18 -9.58 3.65 8.18
CA SER A 18 -10.23 4.88 8.61
C SER A 18 -9.60 5.45 9.88
N SER A 19 -8.81 4.61 10.57
CA SER A 19 -8.10 5.04 11.76
C SER A 19 -6.90 5.90 11.41
N GLY A 20 -6.51 5.88 10.14
CA GLY A 20 -5.45 6.74 9.67
C GLY A 20 -4.18 6.00 9.30
N GLN A 21 -4.33 4.78 8.77
CA GLN A 21 -3.16 4.03 8.32
C GLN A 21 -3.20 3.82 6.82
N ARG A 22 -2.21 4.35 6.12
CA ARG A 22 -2.09 4.12 4.70
C ARG A 22 -0.83 3.29 4.40
N TYR A 23 -1.01 1.99 4.23
CA TYR A 23 0.10 1.12 3.88
C TYR A 23 -0.23 0.37 2.60
N PHE A 24 0.79 0.10 1.80
CA PHE A 24 0.59 -0.52 0.51
C PHE A 24 1.26 -1.87 0.44
N LEU A 25 0.55 -2.85 -0.10
CA LEU A 25 1.11 -4.15 -0.38
C LEU A 25 1.66 -4.24 -1.79
N ASN A 26 2.87 -4.77 -1.97
CA ASN A 26 3.30 -5.14 -3.30
C ASN A 26 2.89 -6.57 -3.52
N HIS A 27 1.81 -6.78 -4.26
CA HIS A 27 1.22 -8.11 -4.40
C HIS A 27 2.05 -9.01 -5.29
N ILE A 28 3.11 -8.46 -5.85
CA ILE A 28 4.02 -9.26 -6.66
C ILE A 28 5.12 -9.84 -5.79
N ASP A 29 5.67 -9.01 -4.91
CA ASP A 29 6.80 -9.39 -4.08
C ASP A 29 6.37 -9.79 -2.67
N GLN A 30 5.12 -9.44 -2.31
CA GLN A 30 4.58 -9.67 -0.96
C GLN A 30 5.25 -8.72 0.03
N THR A 31 5.70 -7.59 -0.49
CA THR A 31 6.46 -6.63 0.30
C THR A 31 5.55 -5.61 0.98
N THR A 32 5.88 -5.30 2.22
CA THR A 32 5.13 -4.34 3.01
C THR A 32 5.70 -2.94 2.82
N THR A 33 4.84 -2.00 2.42
CA THR A 33 5.27 -0.65 2.11
C THR A 33 4.49 0.40 2.93
N TRP A 34 5.20 1.38 3.50
CA TRP A 34 4.57 2.53 4.13
C TRP A 34 4.90 3.80 3.37
N GLN A 35 5.86 3.69 2.47
CA GLN A 35 6.34 4.84 1.71
C GLN A 35 5.55 4.99 0.41
N ASP A 36 5.18 6.23 0.11
CA ASP A 36 4.46 6.52 -1.13
C ASP A 36 5.39 6.34 -2.34
N PRO A 37 5.15 5.30 -3.16
CA PRO A 37 6.06 4.94 -4.26
C PRO A 37 6.08 5.92 -5.43
N ARG A 38 5.10 6.80 -5.52
CA ARG A 38 5.06 7.75 -6.62
C ARG A 38 5.62 9.09 -6.19
N LYS A 39 5.75 9.28 -4.88
CA LYS A 39 6.28 10.52 -4.32
C LYS A 39 7.79 10.61 -4.53
N ALA A 40 8.45 9.48 -4.65
CA ALA A 40 9.88 9.45 -4.82
C ALA A 40 10.25 9.07 -6.26
N SER B 1 -14.20 -7.64 -0.48
CA SER B 1 -13.57 -6.74 0.51
C SER B 1 -12.39 -7.43 1.16
N TYR B 3 -8.97 -7.34 3.40
CA TYR B 3 -8.26 -6.59 4.44
C TYR B 3 -7.23 -7.49 5.11
N PRO B 4 -5.94 -7.19 4.91
CA PRO B 4 -4.85 -7.89 5.56
C PRO B 4 -4.59 -7.35 6.97
N HIS B 5 -3.36 -6.97 7.26
CA HIS B 5 -3.02 -6.36 8.53
C HIS B 5 -1.86 -5.39 8.34
N PRO B 7 1.54 -3.71 8.62
CA PRO B 7 2.86 -4.30 8.91
C PRO B 7 3.32 -4.09 10.36
N THR B 8 3.45 -2.84 10.76
CA THR B 8 3.88 -2.53 12.13
C THR B 8 3.29 -1.20 12.59
N SER B 9 2.59 -1.23 13.71
CA SER B 9 2.00 -0.04 14.30
C SER B 9 1.76 -0.27 15.79
N ASP A 5 -3.71 6.40 -14.26
CA ASP A 5 -2.90 5.16 -14.19
C ASP A 5 -1.54 5.43 -13.53
N VAL A 6 -1.09 6.68 -13.58
CA VAL A 6 0.18 7.06 -12.99
C VAL A 6 0.10 7.26 -11.46
N PRO A 7 -0.87 8.05 -10.95
CA PRO A 7 -0.95 8.39 -9.52
C PRO A 7 -1.32 7.20 -8.64
N LEU A 8 -1.73 6.10 -9.25
CA LEU A 8 -2.13 4.92 -8.50
C LEU A 8 -1.54 3.67 -9.13
N PRO A 9 -0.61 3.01 -8.41
CA PRO A 9 0.01 1.78 -8.89
C PRO A 9 -0.95 0.59 -8.80
N ALA A 10 -1.10 -0.14 -9.91
CA ALA A 10 -2.15 -1.14 -10.03
C ALA A 10 -1.68 -2.53 -9.56
N GLY A 11 -0.38 -2.67 -9.35
CA GLY A 11 0.15 -3.92 -8.82
C GLY A 11 0.21 -3.88 -7.31
N TRP A 12 -0.42 -2.85 -6.75
CA TRP A 12 -0.33 -2.57 -5.33
C TRP A 12 -1.73 -2.62 -4.70
N GLU A 13 -1.78 -3.07 -3.45
CA GLU A 13 -3.03 -3.15 -2.73
C GLU A 13 -3.19 -1.92 -1.84
N MET A 14 -4.36 -1.32 -1.87
CA MET A 14 -4.61 -0.11 -1.10
C MET A 14 -5.14 -0.46 0.28
N ALA A 15 -4.25 -0.55 1.25
CA ALA A 15 -4.69 -0.78 2.61
C ALA A 15 -4.92 0.57 3.28
N LYS A 16 -6.15 1.04 3.16
CA LYS A 16 -6.52 2.34 3.65
C LYS A 16 -7.16 2.22 5.04
N THR A 17 -6.41 2.62 6.05
CA THR A 17 -6.90 2.53 7.41
C THR A 17 -7.61 3.83 7.80
N SER A 18 -8.73 3.70 8.50
CA SER A 18 -9.53 4.84 8.92
C SER A 18 -8.77 5.73 9.92
N SER A 19 -7.78 5.14 10.57
CA SER A 19 -6.91 5.86 11.50
C SER A 19 -6.08 6.91 10.77
N GLY A 20 -6.02 6.79 9.45
CA GLY A 20 -5.22 7.68 8.65
C GLY A 20 -3.91 7.04 8.27
N GLN A 21 -3.97 5.75 7.97
CA GLN A 21 -2.78 4.99 7.64
C GLN A 21 -2.88 4.52 6.20
N ARG A 22 -1.96 4.97 5.36
CA ARG A 22 -1.93 4.54 3.98
C ARG A 22 -0.68 3.70 3.72
N TYR A 23 -0.83 2.39 3.85
CA TYR A 23 0.25 1.49 3.50
C TYR A 23 -0.17 0.62 2.33
N PHE A 24 0.61 0.69 1.27
CA PHE A 24 0.28 -0.05 0.07
C PHE A 24 1.00 -1.38 0.07
N LEU A 25 0.30 -2.40 -0.35
CA LEU A 25 0.88 -3.73 -0.45
C LEU A 25 1.49 -3.92 -1.82
N ASN A 26 2.64 -4.55 -1.90
CA ASN A 26 3.11 -5.04 -3.17
C ASN A 26 2.57 -6.45 -3.29
N HIS A 27 1.39 -6.58 -3.89
CA HIS A 27 0.68 -7.86 -3.89
C HIS A 27 1.43 -8.89 -4.72
N ILE A 28 2.43 -8.43 -5.43
CA ILE A 28 3.33 -9.30 -6.19
C ILE A 28 4.52 -9.72 -5.34
N ASP A 29 4.93 -8.85 -4.42
CA ASP A 29 6.13 -9.08 -3.62
C ASP A 29 5.77 -9.61 -2.23
N GLN A 30 4.48 -9.49 -1.86
CA GLN A 30 4.00 -9.84 -0.50
C GLN A 30 4.62 -8.88 0.51
N THR A 31 5.08 -7.76 -0.02
CA THR A 31 5.84 -6.80 0.73
C THR A 31 4.96 -5.61 1.16
N THR A 32 5.09 -5.20 2.42
CA THR A 32 4.26 -4.12 2.94
C THR A 32 5.03 -2.81 2.91
N THR A 33 4.44 -1.79 2.29
CA THR A 33 5.13 -0.55 2.02
C THR A 33 4.43 0.67 2.67
N TRP A 34 5.12 1.35 3.58
CA TRP A 34 4.59 2.59 4.18
C TRP A 34 4.95 3.80 3.33
N GLN A 35 5.95 3.66 2.48
CA GLN A 35 6.42 4.76 1.65
C GLN A 35 5.65 4.78 0.34
N ASP A 36 4.94 5.87 0.11
CA ASP A 36 4.11 5.99 -1.08
C ASP A 36 4.97 5.88 -2.34
N PRO A 37 4.76 4.80 -3.13
CA PRO A 37 5.56 4.50 -4.32
C PRO A 37 5.57 5.62 -5.37
N ARG A 38 4.65 6.58 -5.25
CA ARG A 38 4.59 7.68 -6.20
C ARG A 38 5.67 8.71 -5.93
N LYS A 39 6.26 8.64 -4.74
CA LYS A 39 7.37 9.51 -4.40
C LYS A 39 8.64 9.08 -5.15
N ALA A 40 8.62 7.89 -5.73
CA ALA A 40 9.76 7.38 -6.47
C ALA A 40 9.93 8.15 -7.79
N SER B 1 -8.03 -8.23 -3.61
CA SER B 1 -8.15 -7.21 -2.53
C SER B 1 -8.89 -7.79 -1.33
N TYR B 3 -7.44 -7.78 2.93
CA TYR B 3 -7.01 -6.96 4.05
C TYR B 3 -5.80 -7.59 4.73
N PRO B 4 -4.73 -6.81 4.92
CA PRO B 4 -3.52 -7.28 5.60
C PRO B 4 -3.68 -7.32 7.12
N HIS B 5 -2.73 -6.71 7.83
CA HIS B 5 -2.77 -6.66 9.29
C HIS B 5 -2.09 -5.39 9.77
N PRO B 7 1.66 -3.37 9.22
CA PRO B 7 2.96 -3.76 9.75
C PRO B 7 3.18 -3.21 11.16
N THR B 8 2.35 -2.26 11.54
CA THR B 8 2.37 -1.68 12.87
C THR B 8 0.95 -1.59 13.42
N SER B 9 0.59 -2.50 14.31
CA SER B 9 -0.74 -2.51 14.88
C SER B 9 -0.72 -1.89 16.28
N ASP A 5 -2.72 5.01 -14.44
CA ASP A 5 -1.94 3.92 -13.82
C ASP A 5 -0.59 4.42 -13.33
N VAL A 6 -0.21 5.65 -13.70
CA VAL A 6 1.01 6.26 -13.17
C VAL A 6 0.77 6.85 -11.77
N PRO A 7 -0.29 7.66 -11.57
CA PRO A 7 -0.65 8.18 -10.25
C PRO A 7 -1.15 7.08 -9.31
N LEU A 8 -1.38 5.90 -9.87
CA LEU A 8 -1.75 4.76 -9.07
C LEU A 8 -1.18 3.50 -9.72
N PRO A 9 0.02 3.09 -9.28
CA PRO A 9 0.70 1.90 -9.81
C PRO A 9 -0.17 0.64 -9.68
N ALA A 10 -0.12 -0.22 -10.70
CA ALA A 10 -1.13 -1.27 -10.83
C ALA A 10 -0.74 -2.57 -10.13
N GLY A 11 0.54 -2.72 -9.82
CA GLY A 11 0.98 -3.88 -9.06
C GLY A 11 0.87 -3.64 -7.57
N TRP A 12 0.15 -2.58 -7.21
CA TRP A 12 0.08 -2.13 -5.83
C TRP A 12 -1.36 -2.18 -5.31
N GLU A 13 -1.50 -2.63 -4.08
CA GLU A 13 -2.78 -2.71 -3.41
C GLU A 13 -3.01 -1.46 -2.55
N MET A 14 -4.21 -0.89 -2.65
CA MET A 14 -4.55 0.26 -1.82
C MET A 14 -5.17 -0.23 -0.53
N ALA A 15 -4.40 -0.16 0.54
CA ALA A 15 -4.93 -0.50 1.83
C ALA A 15 -5.26 0.76 2.60
N LYS A 16 -6.48 1.22 2.44
CA LYS A 16 -6.95 2.40 3.13
C LYS A 16 -7.90 1.97 4.25
N THR A 17 -7.42 2.00 5.48
CA THR A 17 -8.23 1.59 6.61
C THR A 17 -8.84 2.81 7.29
N SER A 18 -10.07 2.64 7.79
CA SER A 18 -10.81 3.74 8.42
C SER A 18 -10.14 4.18 9.72
N SER A 19 -9.22 3.37 10.23
CA SER A 19 -8.48 3.69 11.44
C SER A 19 -7.52 4.86 11.18
N GLY A 20 -7.29 5.16 9.91
CA GLY A 20 -6.38 6.23 9.54
C GLY A 20 -5.03 5.70 9.13
N GLN A 21 -5.03 4.54 8.49
CA GLN A 21 -3.79 3.90 8.06
C GLN A 21 -3.83 3.63 6.56
N ARG A 22 -2.88 4.21 5.85
CA ARG A 22 -2.77 3.99 4.41
C ARG A 22 -1.42 3.34 4.08
N TYR A 23 -1.44 2.09 3.61
CA TYR A 23 -0.22 1.40 3.24
C TYR A 23 -0.42 0.66 1.93
N PHE A 24 0.52 0.82 1.02
CA PHE A 24 0.40 0.24 -0.31
C PHE A 24 1.17 -1.07 -0.39
N LEU A 25 0.48 -2.10 -0.85
CA LEU A 25 1.07 -3.42 -0.99
C LEU A 25 1.69 -3.58 -2.37
N ASN A 26 2.79 -4.31 -2.47
CA ASN A 26 3.19 -4.83 -3.77
C ASN A 26 2.55 -6.18 -3.92
N HIS A 27 1.45 -6.23 -4.68
CA HIS A 27 0.59 -7.42 -4.74
C HIS A 27 1.33 -8.63 -5.26
N ILE A 28 2.31 -8.40 -6.12
CA ILE A 28 3.04 -9.47 -6.77
C ILE A 28 4.26 -9.91 -5.96
N ASP A 29 4.82 -9.01 -5.18
CA ASP A 29 6.01 -9.33 -4.39
C ASP A 29 5.64 -9.64 -2.94
N GLN A 30 4.41 -9.25 -2.57
CA GLN A 30 3.88 -9.45 -1.21
C GLN A 30 4.57 -8.48 -0.23
N THR A 31 5.11 -7.41 -0.76
CA THR A 31 5.90 -6.49 0.06
C THR A 31 5.05 -5.35 0.61
N THR A 32 5.39 -4.94 1.82
CA THR A 32 4.62 -3.97 2.57
C THR A 32 5.25 -2.56 2.50
N THR A 33 4.50 -1.59 2.00
CA THR A 33 5.04 -0.26 1.74
C THR A 33 4.23 0.83 2.47
N TRP A 34 4.85 1.51 3.45
CA TRP A 34 4.21 2.64 4.11
C TRP A 34 4.45 3.93 3.34
N GLN A 35 5.49 3.92 2.52
CA GLN A 35 5.90 5.10 1.77
C GLN A 35 5.19 5.15 0.43
N ASP A 36 4.96 6.34 -0.07
CA ASP A 36 4.40 6.49 -1.40
C ASP A 36 5.49 6.23 -2.44
N PRO A 37 5.33 5.18 -3.27
CA PRO A 37 6.33 4.80 -4.28
C PRO A 37 6.71 5.94 -5.24
N ARG A 38 5.87 6.96 -5.32
CA ARG A 38 6.13 8.07 -6.24
C ARG A 38 6.97 9.14 -5.53
N LYS A 39 7.03 9.05 -4.22
CA LYS A 39 7.74 10.03 -3.40
C LYS A 39 9.25 9.84 -3.50
N ALA A 40 9.68 8.68 -3.97
CA ALA A 40 11.10 8.37 -4.08
C ALA A 40 11.57 8.54 -5.52
N SER B 1 -7.76 -4.69 10.89
CA SER B 1 -7.42 -5.35 9.61
C SER B 1 -8.64 -6.09 9.08
N TYR B 3 -9.25 -6.23 5.36
CA TYR B 3 -9.03 -6.65 3.99
C TYR B 3 -7.55 -6.96 3.70
N PRO B 4 -6.61 -6.02 3.95
CA PRO B 4 -5.22 -6.18 3.61
C PRO B 4 -4.36 -6.69 4.76
N HIS B 5 -3.12 -6.20 4.84
CA HIS B 5 -2.19 -6.59 5.89
C HIS B 5 -1.23 -5.44 6.19
N PRO B 7 1.87 -3.61 7.81
CA PRO B 7 3.22 -4.10 8.08
C PRO B 7 3.64 -3.97 9.54
N THR B 8 2.96 -3.12 10.28
CA THR B 8 3.32 -2.84 11.67
C THR B 8 2.10 -2.65 12.54
N SER B 9 2.06 -3.36 13.66
CA SER B 9 0.98 -3.23 14.63
C SER B 9 1.37 -3.97 15.91
N ASP A 5 -3.92 6.60 -15.19
CA ASP A 5 -3.52 5.17 -15.05
C ASP A 5 -2.17 5.02 -14.39
N VAL A 6 -1.23 5.90 -14.72
CA VAL A 6 0.13 5.83 -14.18
C VAL A 6 0.28 6.41 -12.75
N PRO A 7 -0.53 7.42 -12.30
CA PRO A 7 -0.31 8.05 -10.99
C PRO A 7 -0.54 7.09 -9.81
N LEU A 8 -1.11 5.93 -10.09
CA LEU A 8 -1.35 4.94 -9.05
C LEU A 8 -0.91 3.56 -9.56
N PRO A 9 0.20 3.02 -9.05
CA PRO A 9 0.74 1.73 -9.48
C PRO A 9 -0.27 0.59 -9.30
N ALA A 10 -0.25 -0.37 -10.21
CA ALA A 10 -1.25 -1.43 -10.26
C ALA A 10 -0.86 -2.64 -9.42
N GLY A 11 0.43 -2.84 -9.20
CA GLY A 11 0.88 -3.96 -8.38
C GLY A 11 0.77 -3.65 -6.90
N TRP A 12 0.25 -2.47 -6.58
CA TRP A 12 0.19 -1.98 -5.21
C TRP A 12 -1.25 -2.01 -4.69
N GLU A 13 -1.43 -2.65 -3.55
CA GLU A 13 -2.74 -2.80 -2.92
C GLU A 13 -3.00 -1.62 -1.99
N MET A 14 -4.17 -1.01 -2.12
CA MET A 14 -4.51 0.16 -1.32
C MET A 14 -5.19 -0.26 -0.03
N ALA A 15 -4.50 -0.09 1.08
CA ALA A 15 -5.11 -0.29 2.38
C ALA A 15 -5.28 1.05 3.07
N LYS A 16 -6.46 1.63 2.90
CA LYS A 16 -6.74 2.96 3.43
C LYS A 16 -7.72 2.89 4.59
N THR A 17 -7.22 3.07 5.80
CA THR A 17 -8.07 3.03 6.99
C THR A 17 -8.29 4.45 7.52
N SER A 18 -9.51 4.71 8.00
CA SER A 18 -9.87 6.05 8.48
C SER A 18 -9.05 6.44 9.71
N SER A 19 -8.43 5.43 10.33
CA SER A 19 -7.57 5.67 11.49
C SER A 19 -6.33 6.46 11.09
N GLY A 20 -6.08 6.53 9.79
CA GLY A 20 -4.92 7.25 9.30
C GLY A 20 -3.80 6.33 8.90
N GLN A 21 -4.15 5.10 8.55
CA GLN A 21 -3.15 4.11 8.18
C GLN A 21 -3.32 3.73 6.72
N ARG A 22 -2.35 4.11 5.91
CA ARG A 22 -2.36 3.80 4.50
C ARG A 22 -1.05 3.12 4.09
N TYR A 23 -1.09 1.80 3.96
CA TYR A 23 0.08 1.04 3.57
C TYR A 23 -0.20 0.31 2.26
N PHE A 24 0.81 0.19 1.44
CA PHE A 24 0.66 -0.42 0.13
C PHE A 24 1.37 -1.77 0.06
N LEU A 25 0.65 -2.75 -0.43
CA LEU A 25 1.23 -4.06 -0.71
C LEU A 25 1.75 -4.13 -2.14
N ASN A 26 3.01 -4.51 -2.34
CA ASN A 26 3.43 -4.84 -3.69
C ASN A 26 3.17 -6.32 -3.89
N HIS A 27 2.08 -6.64 -4.57
CA HIS A 27 1.64 -8.04 -4.71
C HIS A 27 2.57 -8.85 -5.61
N ILE A 28 3.56 -8.17 -6.15
CA ILE A 28 4.54 -8.81 -6.99
C ILE A 28 5.71 -9.32 -6.15
N ASP A 29 6.18 -8.48 -5.23
CA ASP A 29 7.31 -8.84 -4.38
C ASP A 29 6.89 -9.29 -2.98
N GLN A 30 5.63 -9.01 -2.60
CA GLN A 30 5.12 -9.25 -1.23
C GLN A 30 5.76 -8.23 -0.28
N THR A 31 6.02 -7.04 -0.80
CA THR A 31 6.69 -6.00 -0.04
C THR A 31 5.69 -5.13 0.71
N THR A 32 5.96 -4.90 1.98
CA THR A 32 5.15 -4.02 2.82
C THR A 32 5.68 -2.59 2.74
N THR A 33 4.83 -1.68 2.27
CA THR A 33 5.26 -0.31 2.01
C THR A 33 4.41 0.72 2.77
N TRP A 34 5.07 1.72 3.38
CA TRP A 34 4.37 2.85 3.97
C TRP A 34 4.71 4.14 3.23
N GLN A 35 5.66 4.05 2.30
CA GLN A 35 6.14 5.23 1.59
C GLN A 35 5.41 5.40 0.26
N ASP A 36 5.18 6.65 -0.11
CA ASP A 36 4.43 6.98 -1.31
C ASP A 36 5.26 6.75 -2.58
N PRO A 37 4.76 5.88 -3.47
CA PRO A 37 5.44 5.53 -4.73
C PRO A 37 5.74 6.73 -5.63
N ARG A 38 5.07 7.85 -5.40
CA ARG A 38 5.28 9.03 -6.24
C ARG A 38 6.41 9.88 -5.68
N LYS A 39 6.75 9.65 -4.42
CA LYS A 39 7.82 10.40 -3.77
C LYS A 39 9.10 9.56 -3.74
N ALA A 40 8.96 8.27 -3.99
CA ALA A 40 10.09 7.37 -4.02
C ALA A 40 10.64 7.24 -5.42
N SER B 1 -14.74 -9.33 4.35
CA SER B 1 -13.38 -9.62 4.83
C SER B 1 -12.41 -9.74 3.65
N TYR B 3 -9.55 -7.37 3.94
CA TYR B 3 -8.48 -6.56 4.49
C TYR B 3 -7.48 -7.44 5.24
N PRO B 4 -6.19 -7.33 4.88
CA PRO B 4 -5.12 -8.07 5.56
C PRO B 4 -4.79 -7.47 6.93
N HIS B 5 -3.51 -7.15 7.14
CA HIS B 5 -3.09 -6.53 8.39
C HIS B 5 -1.88 -5.65 8.13
N PRO B 7 1.67 -3.63 8.67
CA PRO B 7 2.97 -4.02 9.20
C PRO B 7 3.13 -3.60 10.65
N THR B 8 2.26 -2.72 11.11
CA THR B 8 2.23 -2.30 12.50
C THR B 8 1.22 -3.15 13.28
N SER B 9 1.72 -3.95 14.22
CA SER B 9 0.85 -4.81 15.00
C SER B 9 0.83 -4.36 16.46
N ASP A 5 -4.76 8.59 -11.30
CA ASP A 5 -4.77 7.18 -11.77
C ASP A 5 -3.48 6.79 -12.47
N VAL A 6 -2.79 7.73 -13.10
CA VAL A 6 -1.54 7.41 -13.78
C VAL A 6 -0.33 7.32 -12.82
N PRO A 7 -0.27 8.05 -11.67
CA PRO A 7 0.87 7.92 -10.75
C PRO A 7 0.77 6.65 -9.91
N LEU A 8 -0.37 5.98 -9.99
CA LEU A 8 -0.65 4.83 -9.14
C LEU A 8 -0.16 3.55 -9.83
N PRO A 9 0.92 2.94 -9.29
CA PRO A 9 1.47 1.67 -9.80
C PRO A 9 0.46 0.53 -9.69
N ALA A 10 0.42 -0.32 -10.70
CA ALA A 10 -0.62 -1.34 -10.80
C ALA A 10 -0.23 -2.64 -10.12
N GLY A 11 0.97 -2.69 -9.55
CA GLY A 11 1.39 -3.84 -8.78
C GLY A 11 1.17 -3.64 -7.30
N TRP A 12 0.54 -2.53 -6.96
CA TRP A 12 0.42 -2.10 -5.58
C TRP A 12 -1.04 -2.12 -5.11
N GLU A 13 -1.24 -2.65 -3.92
CA GLU A 13 -2.56 -2.74 -3.31
C GLU A 13 -2.79 -1.54 -2.40
N MET A 14 -3.96 -0.92 -2.51
CA MET A 14 -4.27 0.24 -1.68
C MET A 14 -4.93 -0.21 -0.38
N ALA A 15 -4.20 -0.09 0.71
CA ALA A 15 -4.79 -0.33 2.02
C ALA A 15 -4.91 0.98 2.77
N LYS A 16 -6.05 1.63 2.59
CA LYS A 16 -6.30 2.91 3.22
C LYS A 16 -7.27 2.73 4.39
N THR A 17 -6.75 2.83 5.61
CA THR A 17 -7.58 2.67 6.78
C THR A 17 -8.07 4.02 7.29
N SER A 18 -9.36 4.08 7.64
CA SER A 18 -10.02 5.32 8.01
C SER A 18 -9.43 5.95 9.26
N SER A 19 -8.65 5.17 10.01
CA SER A 19 -7.97 5.68 11.20
C SER A 19 -6.82 6.61 10.82
N GLY A 20 -6.43 6.58 9.55
CA GLY A 20 -5.38 7.45 9.07
C GLY A 20 -4.11 6.72 8.69
N GLN A 21 -4.21 5.41 8.48
CA GLN A 21 -3.03 4.63 8.11
C GLN A 21 -3.09 4.22 6.65
N ARG A 22 -2.07 4.58 5.90
CA ARG A 22 -2.01 4.25 4.49
C ARG A 22 -0.73 3.45 4.20
N TYR A 23 -0.89 2.20 3.75
CA TYR A 23 0.25 1.36 3.41
C TYR A 23 -0.08 0.55 2.17
N PHE A 24 0.89 0.37 1.30
CA PHE A 24 0.65 -0.29 0.02
C PHE A 24 1.34 -1.65 -0.03
N LEU A 25 0.64 -2.63 -0.56
CA LEU A 25 1.21 -3.95 -0.79
C LEU A 25 1.85 -4.04 -2.17
N ASN A 26 3.03 -4.63 -2.26
CA ASN A 26 3.54 -5.04 -3.56
C ASN A 26 3.08 -6.46 -3.80
N HIS A 27 2.09 -6.63 -4.68
CA HIS A 27 1.56 -7.96 -4.97
C HIS A 27 2.60 -8.78 -5.73
N ILE A 28 3.61 -8.11 -6.24
CA ILE A 28 4.69 -8.76 -6.95
C ILE A 28 5.82 -9.15 -6.01
N ASP A 29 5.96 -8.40 -4.93
CA ASP A 29 7.03 -8.63 -3.96
C ASP A 29 6.52 -9.38 -2.73
N GLN A 30 5.19 -9.41 -2.58
CA GLN A 30 4.54 -9.93 -1.36
C GLN A 30 5.06 -9.14 -0.16
N THR A 31 5.46 -7.92 -0.44
CA THR A 31 6.14 -7.07 0.52
C THR A 31 5.40 -5.73 0.67
N THR A 32 5.23 -5.31 1.92
CA THR A 32 4.47 -4.11 2.22
C THR A 32 5.39 -2.88 2.27
N THR A 33 4.86 -1.74 1.89
CA THR A 33 5.60 -0.50 1.91
C THR A 33 4.76 0.65 2.51
N TRP A 34 5.31 1.35 3.51
CA TRP A 34 4.62 2.49 4.12
C TRP A 34 4.97 3.78 3.37
N GLN A 35 5.87 3.67 2.41
CA GLN A 35 6.33 4.83 1.64
C GLN A 35 5.58 4.93 0.32
N ASP A 36 5.11 6.12 -0.01
CA ASP A 36 4.39 6.35 -1.25
C ASP A 36 5.35 6.27 -2.44
N PRO A 37 5.11 5.31 -3.36
CA PRO A 37 5.97 5.09 -4.52
C PRO A 37 5.98 6.25 -5.51
N ARG A 38 5.02 7.15 -5.38
CA ARG A 38 4.93 8.28 -6.28
C ARG A 38 5.89 9.39 -5.85
N LYS A 39 6.28 9.35 -4.58
CA LYS A 39 7.19 10.35 -4.03
C LYS A 39 8.61 9.80 -3.96
N ALA A 40 8.75 8.50 -4.04
CA ALA A 40 10.05 7.86 -3.92
C ALA A 40 10.33 6.96 -5.11
N SER B 1 -12.48 -12.49 5.01
CA SER B 1 -11.73 -12.39 3.74
C SER B 1 -11.50 -10.93 3.37
N TYR B 3 -9.89 -7.33 4.10
CA TYR B 3 -8.86 -6.54 4.78
C TYR B 3 -7.88 -7.44 5.55
N PRO B 4 -6.58 -7.34 5.23
CA PRO B 4 -5.52 -8.06 5.95
C PRO B 4 -5.18 -7.38 7.28
N HIS B 5 -3.91 -7.12 7.53
CA HIS B 5 -3.50 -6.44 8.74
C HIS B 5 -2.27 -5.58 8.49
N PRO B 7 1.27 -3.91 8.54
CA PRO B 7 2.64 -4.38 8.78
C PRO B 7 3.26 -3.79 10.04
N THR B 8 2.65 -2.74 10.56
CA THR B 8 3.14 -2.07 11.75
C THR B 8 1.98 -1.66 12.63
N SER B 9 1.72 -2.46 13.67
CA SER B 9 0.66 -2.17 14.62
C SER B 9 1.26 -1.90 15.99
N ASP A 5 -2.87 5.81 -16.78
CA ASP A 5 -3.07 4.94 -15.60
C ASP A 5 -1.83 4.91 -14.72
N VAL A 6 -0.74 5.47 -15.22
CA VAL A 6 0.54 5.43 -14.51
C VAL A 6 0.55 6.15 -13.14
N PRO A 7 -0.29 7.20 -12.85
CA PRO A 7 -0.24 7.87 -11.54
C PRO A 7 -0.64 6.96 -10.38
N LEU A 8 -1.23 5.81 -10.69
CA LEU A 8 -1.59 4.84 -9.68
C LEU A 8 -1.13 3.45 -10.13
N PRO A 9 -0.05 2.93 -9.53
CA PRO A 9 0.48 1.61 -9.88
C PRO A 9 -0.51 0.50 -9.56
N ALA A 10 -0.76 -0.37 -10.54
CA ALA A 10 -1.82 -1.38 -10.44
C ALA A 10 -1.31 -2.69 -9.82
N GLY A 11 -0.05 -2.72 -9.45
CA GLY A 11 0.49 -3.89 -8.77
C GLY A 11 0.53 -3.67 -7.26
N TRP A 12 0.01 -2.53 -6.85
CA TRP A 12 0.09 -2.10 -5.47
C TRP A 12 -1.30 -2.07 -4.84
N GLU A 13 -1.38 -2.49 -3.59
CA GLU A 13 -2.63 -2.56 -2.87
C GLU A 13 -2.82 -1.29 -2.04
N MET A 14 -3.99 -0.69 -2.15
CA MET A 14 -4.28 0.50 -1.35
C MET A 14 -4.91 0.09 -0.03
N ALA A 15 -4.15 0.18 1.03
CA ALA A 15 -4.69 -0.06 2.35
C ALA A 15 -4.93 1.26 3.05
N LYS A 16 -6.12 1.79 2.87
CA LYS A 16 -6.47 3.09 3.40
C LYS A 16 -7.33 2.92 4.66
N THR A 17 -6.74 3.16 5.83
CA THR A 17 -7.45 2.94 7.08
C THR A 17 -7.75 4.26 7.80
N SER A 18 -8.96 4.35 8.36
CA SER A 18 -9.40 5.53 9.09
C SER A 18 -8.54 5.77 10.34
N SER A 19 -7.77 4.76 10.73
CA SER A 19 -6.85 4.87 11.84
C SER A 19 -5.73 5.87 11.54
N GLY A 20 -5.60 6.21 10.25
CA GLY A 20 -4.58 7.14 9.83
C GLY A 20 -3.38 6.44 9.26
N GLN A 21 -3.61 5.25 8.69
CA GLN A 21 -2.52 4.47 8.16
C GLN A 21 -2.78 4.11 6.70
N ARG A 22 -1.99 4.70 5.82
CA ARG A 22 -2.07 4.38 4.40
C ARG A 22 -0.81 3.65 3.96
N TYR A 23 -0.88 2.33 3.89
CA TYR A 23 0.28 1.54 3.49
C TYR A 23 -0.02 0.81 2.20
N PHE A 24 1.02 0.58 1.42
CA PHE A 24 0.87 -0.02 0.11
C PHE A 24 1.53 -1.38 0.06
N LEU A 25 0.78 -2.37 -0.37
CA LEU A 25 1.30 -3.71 -0.57
C LEU A 25 1.80 -3.88 -2.00
N ASN A 26 2.98 -4.45 -2.18
CA ASN A 26 3.36 -4.89 -3.52
C ASN A 26 2.90 -6.31 -3.70
N HIS A 27 1.86 -6.50 -4.52
CA HIS A 27 1.30 -7.84 -4.76
C HIS A 27 2.28 -8.69 -5.55
N ILE A 28 3.32 -8.05 -6.07
CA ILE A 28 4.32 -8.72 -6.87
C ILE A 28 5.43 -9.26 -5.98
N ASP A 29 5.79 -8.45 -4.98
CA ASP A 29 6.91 -8.76 -4.12
C ASP A 29 6.44 -9.36 -2.80
N GLN A 30 5.14 -9.21 -2.51
CA GLN A 30 4.57 -9.59 -1.21
C GLN A 30 5.23 -8.75 -0.12
N THR A 31 5.56 -7.52 -0.46
CA THR A 31 6.30 -6.65 0.45
C THR A 31 5.38 -5.57 1.00
N THR A 32 5.66 -5.16 2.23
CA THR A 32 4.86 -4.17 2.91
C THR A 32 5.54 -2.79 2.87
N THR A 33 4.93 -1.88 2.11
CA THR A 33 5.51 -0.58 1.86
C THR A 33 4.76 0.54 2.60
N TRP A 34 5.50 1.46 3.21
CA TRP A 34 4.89 2.62 3.86
C TRP A 34 5.22 3.90 3.09
N GLN A 35 6.10 3.79 2.13
CA GLN A 35 6.54 4.94 1.36
C GLN A 35 5.81 5.02 0.03
N ASP A 36 5.27 6.20 -0.25
CA ASP A 36 4.47 6.44 -1.45
C ASP A 36 5.29 6.19 -2.71
N PRO A 37 4.74 5.41 -3.64
CA PRO A 37 5.39 5.07 -4.91
C PRO A 37 5.82 6.29 -5.72
N ARG A 38 5.25 7.45 -5.44
CA ARG A 38 5.54 8.66 -6.18
C ARG A 38 6.55 9.53 -5.41
N LYS A 39 6.12 10.05 -4.27
CA LYS A 39 6.92 11.01 -3.51
C LYS A 39 7.67 10.36 -2.35
N ALA A 40 7.27 9.14 -1.99
CA ALA A 40 7.81 8.41 -0.84
C ALA A 40 7.24 8.94 0.48
N SER B 1 -14.56 -9.79 3.14
CA SER B 1 -13.34 -10.07 3.94
C SER B 1 -12.16 -10.26 3.00
N TYR B 3 -9.38 -7.43 3.32
CA TYR B 3 -8.37 -6.65 4.01
C TYR B 3 -7.48 -7.54 4.89
N PRO B 4 -6.15 -7.44 4.70
CA PRO B 4 -5.18 -8.20 5.50
C PRO B 4 -4.89 -7.55 6.85
N HIS B 5 -3.62 -7.27 7.14
CA HIS B 5 -3.23 -6.64 8.38
C HIS B 5 -2.06 -5.70 8.17
N PRO B 7 1.33 -3.58 8.62
CA PRO B 7 2.68 -4.03 8.94
C PRO B 7 3.14 -3.56 10.32
N THR B 8 2.43 -2.61 10.89
CA THR B 8 2.76 -2.07 12.20
C THR B 8 1.54 -2.11 13.13
N SER B 9 1.65 -2.88 14.20
CA SER B 9 0.58 -2.98 15.16
C SER B 9 1.15 -3.03 16.58
N ASP A 5 -2.24 5.00 -14.92
CA ASP A 5 -1.78 3.82 -14.14
C ASP A 5 -0.43 4.09 -13.47
N VAL A 6 0.21 5.20 -13.82
CA VAL A 6 1.46 5.59 -13.18
C VAL A 6 1.21 6.22 -11.80
N PRO A 7 0.29 7.22 -11.67
CA PRO A 7 0.01 7.87 -10.37
C PRO A 7 -0.37 6.88 -9.27
N LEU A 8 -0.85 5.71 -9.66
CA LEU A 8 -1.18 4.66 -8.72
C LEU A 8 -0.89 3.31 -9.37
N PRO A 9 0.23 2.67 -9.00
CA PRO A 9 0.62 1.35 -9.52
C PRO A 9 -0.43 0.28 -9.22
N ALA A 10 -0.66 -0.61 -10.18
CA ALA A 10 -1.78 -1.55 -10.10
C ALA A 10 -1.38 -2.85 -9.40
N GLY A 11 -0.10 -2.99 -9.07
CA GLY A 11 0.32 -4.14 -8.29
C GLY A 11 0.32 -3.84 -6.81
N TRP A 12 -0.17 -2.66 -6.46
CA TRP A 12 -0.14 -2.18 -5.09
C TRP A 12 -1.55 -2.14 -4.51
N GLU A 13 -1.69 -2.70 -3.31
CA GLU A 13 -2.98 -2.81 -2.64
C GLU A 13 -3.23 -1.58 -1.78
N MET A 14 -4.44 -1.03 -1.87
CA MET A 14 -4.78 0.17 -1.12
C MET A 14 -5.34 -0.18 0.25
N ALA A 15 -4.50 -0.07 1.26
CA ALA A 15 -4.95 -0.23 2.62
C ALA A 15 -5.05 1.14 3.28
N LYS A 16 -6.21 1.74 3.16
CA LYS A 16 -6.43 3.09 3.66
C LYS A 16 -7.40 3.06 4.84
N THR A 17 -6.88 3.30 6.03
CA THR A 17 -7.71 3.31 7.23
C THR A 17 -8.02 4.75 7.63
N SER A 18 -9.27 4.97 8.03
CA SER A 18 -9.74 6.31 8.39
C SER A 18 -9.06 6.81 9.67
N SER A 19 -8.43 5.90 10.40
CA SER A 19 -7.70 6.27 11.61
C SER A 19 -6.39 6.98 11.25
N GLY A 20 -5.99 6.86 9.99
CA GLY A 20 -4.84 7.58 9.51
C GLY A 20 -3.68 6.70 9.08
N GLN A 21 -3.95 5.48 8.63
CA GLN A 21 -2.89 4.63 8.13
C GLN A 21 -3.09 4.39 6.64
N ARG A 22 -2.03 4.52 5.88
CA ARG A 22 -2.08 4.22 4.46
C ARG A 22 -0.84 3.43 4.05
N TYR A 23 -0.97 2.12 4.01
CA TYR A 23 0.13 1.27 3.60
C TYR A 23 -0.24 0.52 2.33
N PHE A 24 0.74 0.29 1.47
CA PHE A 24 0.48 -0.37 0.21
C PHE A 24 1.20 -1.71 0.14
N LEU A 25 0.48 -2.72 -0.30
CA LEU A 25 1.04 -4.03 -0.54
C LEU A 25 1.55 -4.14 -1.96
N ASN A 26 2.73 -4.66 -2.18
CA ASN A 26 3.13 -5.03 -3.52
C ASN A 26 2.71 -6.47 -3.73
N HIS A 27 1.54 -6.66 -4.35
CA HIS A 27 0.99 -8.01 -4.51
C HIS A 27 1.77 -8.82 -5.53
N ILE A 28 2.74 -8.16 -6.14
CA ILE A 28 3.65 -8.82 -7.06
C ILE A 28 4.85 -9.39 -6.31
N ASP A 29 5.33 -8.63 -5.33
CA ASP A 29 6.52 -9.01 -4.58
C ASP A 29 6.15 -9.63 -3.22
N GLN A 30 4.88 -9.46 -2.81
CA GLN A 30 4.41 -9.81 -1.47
C GLN A 30 5.19 -8.96 -0.45
N THR A 31 5.66 -7.84 -0.95
CA THR A 31 6.47 -6.91 -0.20
C THR A 31 5.62 -5.78 0.37
N THR A 32 5.92 -5.40 1.60
CA THR A 32 5.12 -4.42 2.30
C THR A 32 5.76 -3.03 2.27
N THR A 33 4.95 -2.01 1.96
CA THR A 33 5.45 -0.64 1.88
C THR A 33 4.53 0.33 2.64
N TRP A 34 5.11 1.28 3.35
CA TRP A 34 4.34 2.31 4.05
C TRP A 34 4.38 3.64 3.31
N GLN A 35 5.37 3.80 2.45
CA GLN A 35 5.55 5.07 1.76
C GLN A 35 4.99 5.00 0.34
N ASP A 36 4.17 5.99 0.01
CA ASP A 36 3.56 6.08 -1.32
C ASP A 36 4.64 6.12 -2.39
N PRO A 37 4.56 5.21 -3.38
CA PRO A 37 5.61 5.06 -4.40
C PRO A 37 5.69 6.24 -5.37
N ARG A 38 4.64 7.05 -5.41
CA ARG A 38 4.66 8.25 -6.25
C ARG A 38 4.96 9.50 -5.43
N LYS A 39 4.85 9.36 -4.11
CA LYS A 39 5.22 10.42 -3.19
C LYS A 39 6.71 10.36 -2.91
N ALA A 40 7.24 9.13 -2.83
CA ALA A 40 8.65 8.91 -2.64
C ALA A 40 9.08 7.65 -3.37
N SER B 1 -9.46 -9.01 -1.33
CA SER B 1 -10.58 -8.12 -0.96
C SER B 1 -10.72 -8.01 0.56
N TYR B 3 -8.96 -7.43 4.46
CA TYR B 3 -7.99 -6.50 5.00
C TYR B 3 -7.08 -7.19 6.02
N PRO B 4 -5.75 -7.07 5.85
CA PRO B 4 -4.77 -7.56 6.82
C PRO B 4 -4.75 -6.68 8.08
N HIS B 5 -3.57 -6.40 8.61
CA HIS B 5 -3.45 -5.46 9.72
C HIS B 5 -2.10 -4.75 9.69
N PRO B 7 1.74 -3.69 7.76
CA PRO B 7 3.05 -4.36 7.79
C PRO B 7 3.79 -4.14 9.10
N THR B 8 3.34 -3.16 9.87
CA THR B 8 4.02 -2.80 11.10
C THR B 8 3.01 -2.47 12.19
N SER B 9 2.41 -3.50 12.75
CA SER B 9 1.49 -3.35 13.86
C SER B 9 1.58 -4.56 14.78
#